data_4ZBO
#
_entry.id   4ZBO
#
_cell.length_a   157.900
_cell.length_b   124.400
_cell.length_c   53.200
_cell.angle_alpha   90.00
_cell.angle_beta   90.00
_cell.angle_gamma   90.00
#
_symmetry.space_group_name_H-M   'P 21 21 2'
#
loop_
_entity.id
_entity.type
_entity.pdbx_description
1 polymer 'Acetoacetate decarboxylase'
2 non-polymer 'FORMIC ACID'
3 non-polymer DI(HYDROXYETHYL)ETHER
4 non-polymer 2-{2-[2-(2-{2-[2-(2-ETHOXY-ETHOXY)-ETHOXY]-ETHOXY}-ETHOXY)-ETHOXY]-ETHOXY}-ETHANOL
5 non-polymer 2-{2-[2-2-(METHOXY-ETHOXY)-ETHOXY]-ETHOXY}-ETHANOL
6 water water
#
_entity_poly.entity_id   1
_entity_poly.type   'polypeptide(L)'
_entity_poly.pdbx_seq_one_letter_code
;MKGYTVPLSPRGIANLAPAPPWHYAGTVVGVEFFTDPAAAAATLPEGLTPDPDSAGRGVAMFIDWQYSSTGLEYLDPARS
QYREFLITLDAHCNGAPVAWCPYIYVDNDAAMARGWVQGFPKKLGAVHQTRAYSVGGPGTPVLGPGGQFGATASSAGQRI
AEAKITLEQPVPDPAALMSRPVINLRHFPRLAAGQHDQPAVHELVMSVLDDTAVSDAWVGTADLAFLPAHGEELADLPVR
RTGKGFHFDLAYTVTDLMTLADHSA
;
_entity_poly.pdbx_strand_id   A,B,C,D
#
# COMPACT_ATOMS: atom_id res chain seq x y z
N MET A 1 21.79 13.99 21.08
CA MET A 1 21.25 13.20 19.94
C MET A 1 21.45 13.95 18.63
N LYS A 2 21.25 13.24 17.52
CA LYS A 2 21.50 13.77 16.19
C LYS A 2 20.25 13.63 15.33
N GLY A 3 20.20 14.35 14.22
CA GLY A 3 19.08 14.29 13.31
C GLY A 3 18.45 15.64 13.05
N TYR A 4 17.68 15.71 11.96
CA TYR A 4 17.02 16.94 11.56
C TYR A 4 15.53 16.92 11.90
N THR A 5 14.78 15.98 11.33
CA THR A 5 13.42 15.70 11.82
C THR A 5 13.47 14.56 12.85
N VAL A 6 12.34 14.30 13.50
CA VAL A 6 12.23 13.10 14.32
C VAL A 6 12.24 11.85 13.43
N PRO A 7 12.59 10.69 14.00
CA PRO A 7 13.20 10.52 15.32
C PRO A 7 14.64 11.02 15.34
N LEU A 8 15.00 11.75 16.39
CA LEU A 8 16.39 12.03 16.66
C LEU A 8 17.00 10.75 17.20
N SER A 9 18.31 10.59 17.04
CA SER A 9 18.94 9.30 17.30
C SER A 9 20.43 9.43 17.49
N PRO A 10 21.07 8.36 17.97
CA PRO A 10 22.52 8.44 18.20
C PRO A 10 23.31 8.80 16.94
N ARG A 11 22.87 8.32 15.77
CA ARG A 11 23.67 8.49 14.55
C ARG A 11 23.08 9.44 13.53
N GLY A 12 21.84 9.89 13.74
CA GLY A 12 21.22 10.81 12.80
C GLY A 12 20.82 10.15 11.49
N ILE A 13 20.57 8.84 11.53
CA ILE A 13 20.16 8.08 10.35
C ILE A 13 18.66 7.83 10.35
N ALA A 14 18.12 7.53 11.53
CA ALA A 14 16.71 7.13 11.64
C ALA A 14 15.74 8.26 11.32
N ASN A 15 16.19 9.51 11.37
CA ASN A 15 15.29 10.63 11.10
C ASN A 15 14.55 10.44 9.78
N LEU A 16 13.30 10.84 9.76
CA LEU A 16 12.50 10.74 8.56
C LEU A 16 13.18 11.52 7.42
N ALA A 17 13.72 12.69 7.73
CA ALA A 17 14.53 13.43 6.77
C ALA A 17 15.73 14.10 7.42
N PRO A 18 16.90 14.02 6.77
CA PRO A 18 18.06 14.76 7.26
C PRO A 18 17.96 16.21 6.83
N ALA A 19 18.95 16.99 7.24
CA ALA A 19 19.00 18.40 6.92
C ALA A 19 19.19 18.58 5.42
N PRO A 20 18.81 19.74 4.90
CA PRO A 20 19.16 20.08 3.52
C PRO A 20 20.68 20.02 3.31
N PRO A 21 21.15 19.97 2.06
CA PRO A 21 20.37 20.18 0.83
C PRO A 21 19.48 19.01 0.42
N TRP A 22 18.31 19.35 -0.11
CA TRP A 22 17.38 18.38 -0.67
C TRP A 22 17.32 18.65 -2.17
N HIS A 23 17.63 17.63 -2.96
CA HIS A 23 17.65 17.74 -4.41
C HIS A 23 16.47 17.00 -5.00
N TYR A 24 15.95 17.52 -6.10
CA TYR A 24 14.75 16.97 -6.71
C TYR A 24 14.87 16.94 -8.22
N ALA A 25 14.38 15.84 -8.80
CA ALA A 25 14.20 15.74 -10.24
C ALA A 25 12.85 15.09 -10.46
N GLY A 26 12.03 15.68 -11.31
CA GLY A 26 10.68 15.18 -11.47
C GLY A 26 10.13 15.40 -12.86
N THR A 27 9.07 14.67 -13.16
CA THR A 27 8.30 14.85 -14.38
C THR A 27 6.88 15.25 -14.00
N VAL A 28 6.42 16.35 -14.61
CA VAL A 28 5.16 17.01 -14.26
C VAL A 28 4.13 16.89 -15.38
N VAL A 29 2.92 16.45 -15.00
CA VAL A 29 1.72 16.61 -15.81
C VAL A 29 0.91 17.70 -15.12
N GLY A 30 0.66 18.79 -15.82
CA GLY A 30 0.03 19.97 -15.23
C GLY A 30 -1.20 20.42 -15.97
N VAL A 31 -2.16 20.98 -15.23
CA VAL A 31 -3.39 21.48 -15.83
C VAL A 31 -3.77 22.81 -15.19
N GLU A 32 -3.84 23.83 -16.03
CA GLU A 32 -4.40 25.12 -15.65
C GLU A 32 -5.92 24.98 -15.57
N PHE A 33 -6.51 25.48 -14.49
CA PHE A 33 -7.96 25.37 -14.30
C PHE A 33 -8.53 26.66 -13.71
N PHE A 34 -9.84 26.78 -13.78
CA PHE A 34 -10.55 27.95 -13.30
C PHE A 34 -11.70 27.48 -12.44
N THR A 35 -11.73 27.97 -11.20
CA THR A 35 -12.80 27.69 -10.27
C THR A 35 -13.48 29.01 -9.91
N ASP A 36 -14.42 28.95 -8.98
CA ASP A 36 -15.12 30.16 -8.55
C ASP A 36 -14.15 31.05 -7.80
N PRO A 37 -14.07 32.34 -8.18
CA PRO A 37 -13.19 33.25 -7.42
C PRO A 37 -13.44 33.21 -5.91
N ALA A 38 -14.70 33.16 -5.48
CA ALA A 38 -14.98 33.13 -4.05
C ALA A 38 -14.53 31.83 -3.38
N ALA A 39 -14.59 30.72 -4.11
CA ALA A 39 -14.13 29.43 -3.56
C ALA A 39 -12.63 29.49 -3.33
N ALA A 40 -11.90 30.03 -4.29
CA ALA A 40 -10.46 30.20 -4.13
C ALA A 40 -10.13 31.14 -2.98
N ALA A 41 -10.85 32.27 -2.90
CA ALA A 41 -10.60 33.26 -1.86
C ALA A 41 -10.82 32.67 -0.46
N ALA A 42 -11.76 31.75 -0.35
CA ALA A 42 -12.09 31.13 0.93
C ALA A 42 -10.92 30.31 1.51
N THR A 43 -10.02 29.84 0.65
CA THR A 43 -8.87 29.08 1.12
C THR A 43 -7.68 29.95 1.52
N LEU A 44 -7.75 31.26 1.25
CA LEU A 44 -6.55 32.09 1.41
C LEU A 44 -6.27 32.42 2.88
N PRO A 45 -5.01 32.30 3.29
CA PRO A 45 -4.65 32.69 4.65
C PRO A 45 -4.64 34.20 4.80
N GLU A 46 -4.65 34.68 6.03
CA GLU A 46 -4.49 36.08 6.31
C GLU A 46 -3.10 36.47 5.79
N GLY A 47 -3.04 37.57 5.06
CA GLY A 47 -1.79 38.01 4.45
C GLY A 47 -1.88 37.98 2.93
N LEU A 48 -2.69 37.07 2.40
CA LEU A 48 -2.89 36.97 0.96
C LEU A 48 -4.24 37.53 0.57
N THR A 49 -4.29 38.15 -0.60
CA THR A 49 -5.54 38.72 -1.10
C THR A 49 -5.84 38.14 -2.48
N PRO A 50 -7.10 38.27 -2.93
CA PRO A 50 -7.43 37.75 -4.26
C PRO A 50 -6.63 38.43 -5.36
N ASP A 51 -6.29 37.67 -6.39
CA ASP A 51 -5.59 38.21 -7.54
C ASP A 51 -6.59 39.10 -8.29
N PRO A 52 -6.21 40.36 -8.54
CA PRO A 52 -7.17 41.28 -9.17
C PRO A 52 -7.44 41.01 -10.65
N ASP A 53 -6.65 40.14 -11.26
CA ASP A 53 -6.78 39.84 -12.70
C ASP A 53 -7.21 38.39 -12.97
N SER A 54 -6.74 37.46 -12.15
CA SER A 54 -6.98 36.04 -12.42
C SER A 54 -7.51 35.27 -11.21
N ALA A 55 -8.27 35.94 -10.35
CA ALA A 55 -8.89 35.27 -9.21
C ALA A 55 -9.70 34.08 -9.71
N GLY A 56 -9.52 32.94 -9.07
CA GLY A 56 -10.18 31.72 -9.51
C GLY A 56 -9.29 30.82 -10.33
N ARG A 57 -8.23 31.36 -10.93
CA ARG A 57 -7.30 30.50 -11.66
C ARG A 57 -6.42 29.70 -10.73
N GLY A 58 -6.11 28.47 -11.12
CA GLY A 58 -5.18 27.65 -10.40
C GLY A 58 -4.45 26.69 -11.33
N VAL A 59 -3.51 25.95 -10.77
CA VAL A 59 -2.80 24.93 -11.51
C VAL A 59 -2.78 23.66 -10.69
N ALA A 60 -3.13 22.55 -11.33
CA ALA A 60 -3.06 21.23 -10.74
C ALA A 60 -1.82 20.54 -11.33
N MET A 61 -1.02 19.94 -10.47
CA MET A 61 0.17 19.23 -10.91
C MET A 61 0.24 17.84 -10.33
N PHE A 62 0.61 16.89 -11.18
CA PHE A 62 0.85 15.51 -10.81
C PHE A 62 2.32 15.29 -11.16
N ILE A 63 3.11 14.89 -10.18
CA ILE A 63 4.56 14.83 -10.35
C ILE A 63 5.13 13.49 -9.90
N ASP A 64 5.98 12.92 -10.75
CA ASP A 64 6.79 11.75 -10.39
C ASP A 64 8.15 12.27 -9.99
N TRP A 65 8.40 12.32 -8.68
CA TRP A 65 9.62 12.86 -8.12
C TRP A 65 10.64 11.80 -7.74
N GLN A 66 11.90 12.24 -7.78
CA GLN A 66 13.01 11.52 -7.21
C GLN A 66 13.81 12.52 -6.39
N TYR A 67 14.08 12.16 -5.14
CA TYR A 67 14.82 12.97 -4.20
C TYR A 67 16.22 12.42 -3.97
N SER A 68 17.14 13.31 -3.61
CA SER A 68 18.44 12.89 -3.12
C SER A 68 19.02 14.00 -2.25
N SER A 69 20.06 13.68 -1.49
CA SER A 69 20.74 14.69 -0.70
C SER A 69 22.23 14.59 -1.01
N THR A 70 23.07 14.52 0.01
CA THR A 70 24.52 14.59 -0.19
C THR A 70 25.19 13.23 -0.37
N GLY A 71 24.41 12.15 -0.43
CA GLY A 71 24.98 10.80 -0.41
C GLY A 71 24.42 9.82 -1.44
N LEU A 72 23.95 10.33 -2.58
CA LEU A 72 23.37 9.50 -3.62
C LEU A 72 22.18 8.69 -3.09
N GLU A 73 21.34 9.35 -2.31
CA GLU A 73 20.12 8.75 -1.79
C GLU A 73 19.19 8.27 -2.89
N TYR A 74 19.33 8.80 -4.10
CA TYR A 74 18.53 8.32 -5.21
C TYR A 74 18.81 6.86 -5.56
N LEU A 75 19.87 6.28 -5.00
CA LEU A 75 20.18 4.86 -5.19
C LEU A 75 19.30 3.97 -4.33
N ASP A 76 18.44 4.58 -3.50
CA ASP A 76 17.52 3.87 -2.61
C ASP A 76 16.08 4.32 -2.92
N PRO A 77 15.56 3.91 -4.10
CA PRO A 77 14.26 4.40 -4.58
C PRO A 77 13.10 4.02 -3.68
N ALA A 78 13.24 2.98 -2.87
CA ALA A 78 12.19 2.61 -1.92
C ALA A 78 11.93 3.74 -0.92
N ARG A 79 12.92 4.59 -0.70
CA ARG A 79 12.76 5.77 0.14
C ARG A 79 12.70 7.07 -0.65
N SER A 80 13.42 7.13 -1.77
CA SER A 80 13.65 8.42 -2.43
C SER A 80 12.71 8.75 -3.57
N GLN A 81 11.97 7.78 -4.07
CA GLN A 81 11.00 8.04 -5.12
C GLN A 81 9.61 8.20 -4.56
N TYR A 82 8.88 9.15 -5.11
CA TYR A 82 7.51 9.35 -4.71
C TYR A 82 6.71 10.09 -5.77
N ARG A 83 5.40 10.06 -5.60
CA ARG A 83 4.48 10.68 -6.53
C ARG A 83 3.59 11.64 -5.75
N GLU A 84 3.30 12.78 -6.36
CA GLU A 84 2.71 13.91 -5.66
C GLU A 84 1.66 14.60 -6.51
N PHE A 85 0.58 15.03 -5.87
CA PHE A 85 -0.47 15.80 -6.52
C PHE A 85 -0.71 17.05 -5.70
N LEU A 86 -0.70 18.20 -6.36
CA LEU A 86 -0.99 19.45 -5.63
C LEU A 86 -1.76 20.40 -6.51
N ILE A 87 -2.39 21.36 -5.86
CA ILE A 87 -2.92 22.52 -6.56
C ILE A 87 -2.36 23.79 -5.99
N THR A 88 -2.23 24.79 -6.85
CA THR A 88 -1.99 26.14 -6.39
C THR A 88 -3.08 27.02 -6.94
N LEU A 89 -3.29 28.14 -6.26
CA LEU A 89 -4.31 29.11 -6.64
C LEU A 89 -3.66 30.48 -6.77
N ASP A 90 -3.95 31.18 -7.87
CA ASP A 90 -3.47 32.54 -8.03
C ASP A 90 -3.97 33.42 -6.88
N ALA A 91 -3.07 34.26 -6.37
CA ALA A 91 -3.41 35.22 -5.32
C ALA A 91 -2.39 36.35 -5.41
N HIS A 92 -2.58 37.37 -4.57
CA HIS A 92 -1.62 38.46 -4.45
C HIS A 92 -1.05 38.53 -3.04
N CYS A 93 0.22 38.91 -2.95
CA CYS A 93 0.86 39.23 -1.68
C CYS A 93 1.44 40.63 -1.78
N ASN A 94 0.81 41.58 -1.09
CA ASN A 94 1.22 42.98 -1.17
C ASN A 94 1.38 43.44 -2.61
N GLY A 95 0.41 43.09 -3.44
CA GLY A 95 0.35 43.55 -4.81
C GLY A 95 1.19 42.75 -5.79
N ALA A 96 1.82 41.69 -5.31
CA ALA A 96 2.66 40.85 -6.16
C ALA A 96 1.98 39.50 -6.42
N PRO A 97 2.00 39.03 -7.68
CA PRO A 97 1.37 37.73 -7.99
C PRO A 97 2.10 36.55 -7.36
N VAL A 98 1.34 35.73 -6.65
CA VAL A 98 1.86 34.54 -6.01
C VAL A 98 0.90 33.37 -6.23
N ALA A 99 1.34 32.19 -5.80
CA ALA A 99 0.55 30.98 -5.93
C ALA A 99 0.42 30.34 -4.55
N TRP A 100 -0.79 30.34 -4.01
CA TRP A 100 -1.06 29.71 -2.72
C TRP A 100 -1.32 28.22 -2.89
N CYS A 101 -0.72 27.39 -2.03
CA CYS A 101 -0.96 25.95 -2.06
C CYS A 101 -1.85 25.51 -0.89
N PRO A 102 -3.13 25.21 -1.16
CA PRO A 102 -4.00 24.81 -0.05
C PRO A 102 -3.99 23.31 0.24
N TYR A 103 -3.76 22.49 -0.80
CA TYR A 103 -3.90 21.03 -0.69
C TYR A 103 -2.82 20.35 -1.52
N ILE A 104 -2.30 19.25 -0.98
CA ILE A 104 -1.23 18.50 -1.62
C ILE A 104 -1.16 17.10 -0.99
N TYR A 105 -0.91 16.11 -1.84
CA TYR A 105 -0.96 14.71 -1.47
C TYR A 105 0.27 14.01 -2.01
N VAL A 106 0.81 13.08 -1.23
CA VAL A 106 2.04 12.39 -1.64
C VAL A 106 1.99 10.95 -1.16
N ASP A 107 2.72 10.04 -1.81
CA ASP A 107 2.67 8.63 -1.42
C ASP A 107 3.85 8.17 -0.58
N ASN A 108 4.50 9.10 0.13
CA ASN A 108 5.74 8.81 0.84
C ASN A 108 5.81 9.67 2.10
N ASP A 109 6.09 9.04 3.24
CA ASP A 109 6.10 9.74 4.51
C ASP A 109 7.24 10.73 4.70
N ALA A 110 8.42 10.41 4.17
CA ALA A 110 9.55 11.34 4.25
C ALA A 110 9.24 12.61 3.45
N ALA A 111 8.64 12.46 2.28
CA ALA A 111 8.21 13.62 1.50
C ALA A 111 7.16 14.42 2.26
N MET A 112 6.27 13.73 2.97
CA MET A 112 5.25 14.41 3.75
C MET A 112 5.91 15.25 4.85
N ALA A 113 6.89 14.70 5.54
CA ALA A 113 7.60 15.40 6.61
C ALA A 113 8.41 16.59 6.07
N ARG A 114 9.18 16.37 5.00
CA ARG A 114 9.92 17.47 4.40
C ARG A 114 8.93 18.57 3.96
N GLY A 115 7.75 18.15 3.50
CA GLY A 115 6.70 19.09 3.12
C GLY A 115 6.24 19.94 4.29
N TRP A 116 5.91 19.29 5.41
N TRP A 116 5.89 19.32 5.41
CA TRP A 116 5.46 19.99 6.61
CA TRP A 116 5.47 20.10 6.57
C TRP A 116 6.49 21.06 7.05
C TRP A 116 6.51 21.12 6.99
N VAL A 117 7.77 20.73 6.95
CA VAL A 117 8.84 21.67 7.31
C VAL A 117 8.85 22.89 6.38
N GLN A 118 8.54 22.67 5.10
CA GLN A 118 8.44 23.74 4.11
C GLN A 118 7.12 24.49 4.18
N GLY A 119 6.16 23.99 4.93
CA GLY A 119 4.84 24.59 4.94
C GLY A 119 3.86 24.03 3.93
N PHE A 120 4.27 23.06 3.12
CA PHE A 120 3.34 22.36 2.24
C PHE A 120 2.46 21.46 3.10
N PRO A 121 1.12 21.59 3.01
CA PRO A 121 0.22 20.87 3.93
C PRO A 121 -0.06 19.43 3.48
N LYS A 122 0.99 18.62 3.41
CA LYS A 122 0.92 17.32 2.76
C LYS A 122 0.18 16.27 3.57
N LYS A 123 -0.64 15.48 2.88
CA LYS A 123 -1.25 14.27 3.42
C LYS A 123 -0.87 13.13 2.51
N LEU A 124 -1.06 11.90 2.97
CA LEU A 124 -0.83 10.75 2.11
C LEU A 124 -1.94 10.57 1.11
N GLY A 125 -1.54 10.14 -0.08
CA GLY A 125 -2.47 9.79 -1.14
C GLY A 125 -1.79 8.89 -2.14
N ALA A 126 -2.56 8.41 -3.10
CA ALA A 126 -2.06 7.60 -4.21
C ALA A 126 -2.16 8.41 -5.50
N VAL A 127 -1.03 8.61 -6.15
CA VAL A 127 -0.94 9.49 -7.31
C VAL A 127 -0.28 8.74 -8.46
N HIS A 128 -0.81 8.91 -9.66
CA HIS A 128 -0.29 8.23 -10.85
C HIS A 128 -0.37 9.15 -12.05
N GLN A 129 0.59 8.99 -12.97
CA GLN A 129 0.54 9.65 -14.27
C GLN A 129 1.08 8.71 -15.34
N THR A 130 0.48 8.78 -16.53
CA THR A 130 1.00 8.11 -17.71
C THR A 130 2.45 8.53 -17.94
N ARG A 131 3.30 7.58 -18.31
CA ARG A 131 4.70 7.82 -18.58
C ARG A 131 4.99 7.66 -20.07
N ALA A 132 5.91 8.46 -20.60
CA ALA A 132 6.36 8.30 -21.98
C ALA A 132 7.68 7.53 -21.98
N TYR A 133 7.75 6.50 -22.80
CA TYR A 133 8.97 5.69 -22.93
C TYR A 133 9.60 5.89 -24.29
N SER A 134 10.91 6.16 -24.29
CA SER A 134 11.67 6.44 -25.49
C SER A 134 11.55 5.32 -26.52
N VAL A 135 11.41 4.07 -26.07
CA VAL A 135 11.36 2.95 -27.01
C VAL A 135 10.14 3.01 -27.93
N GLY A 136 9.07 3.64 -27.46
CA GLY A 136 7.86 3.80 -28.26
C GLY A 136 7.04 2.54 -28.36
N GLY A 137 6.05 2.56 -29.25
CA GLY A 137 5.15 1.44 -29.42
C GLY A 137 3.82 1.67 -28.73
N PRO A 138 2.91 0.69 -28.83
CA PRO A 138 1.52 0.87 -28.39
C PRO A 138 1.32 0.90 -26.86
N GLY A 139 2.39 0.66 -26.10
CA GLY A 139 2.32 0.76 -24.66
C GLY A 139 2.62 2.14 -24.10
N THR A 140 2.87 3.12 -24.97
CA THR A 140 3.27 4.44 -24.51
C THR A 140 2.81 5.55 -25.45
N PRO A 141 2.47 6.73 -24.90
CA PRO A 141 2.30 7.89 -25.78
C PRO A 141 3.66 8.37 -26.26
N VAL A 142 3.63 9.25 -27.26
CA VAL A 142 4.81 9.99 -27.70
C VAL A 142 4.90 11.28 -26.88
N LEU A 143 6.11 11.62 -26.43
CA LEU A 143 6.35 12.92 -25.83
C LEU A 143 6.53 13.93 -26.96
N GLY A 144 5.40 14.44 -27.43
CA GLY A 144 5.37 15.23 -28.65
C GLY A 144 3.92 15.43 -29.04
N PRO A 145 3.69 16.07 -30.21
CA PRO A 145 2.33 16.37 -30.67
C PRO A 145 1.44 15.13 -30.69
N GLY A 146 0.24 15.26 -30.13
CA GLY A 146 -0.72 14.18 -30.13
C GLY A 146 -0.60 13.27 -28.92
N GLY A 147 0.49 13.39 -28.17
CA GLY A 147 0.69 12.54 -27.01
C GLY A 147 -0.33 12.80 -25.92
N GLN A 148 -1.00 11.73 -25.48
CA GLN A 148 -2.02 11.83 -24.43
C GLN A 148 -1.51 11.24 -23.13
N PHE A 149 -1.79 11.93 -22.02
CA PHE A 149 -1.31 11.54 -20.70
C PHE A 149 -2.46 11.68 -19.70
N GLY A 150 -2.74 10.61 -18.97
CA GLY A 150 -3.75 10.63 -17.91
C GLY A 150 -3.08 10.77 -16.56
N ALA A 151 -3.80 11.28 -15.57
CA ALA A 151 -3.27 11.33 -14.21
C ALA A 151 -4.41 11.30 -13.23
N THR A 152 -4.18 10.69 -12.07
CA THR A 152 -5.19 10.59 -11.04
C THR A 152 -4.58 10.74 -9.66
N ALA A 153 -5.42 11.10 -8.70
CA ALA A 153 -5.05 11.13 -7.30
C ALA A 153 -6.21 10.61 -6.45
N SER A 154 -5.87 9.79 -5.46
CA SER A 154 -6.81 9.33 -4.44
C SER A 154 -6.27 9.60 -3.06
N SER A 155 -7.17 9.69 -2.09
CA SER A 155 -6.76 9.74 -0.68
C SER A 155 -7.73 8.92 0.14
N ALA A 156 -7.19 8.12 1.06
CA ALA A 156 -7.98 7.25 1.91
C ALA A 156 -8.91 6.38 1.08
N GLY A 157 -8.44 5.93 -0.07
CA GLY A 157 -9.21 5.03 -0.94
C GLY A 157 -10.32 5.69 -1.72
N GLN A 158 -10.29 7.02 -1.79
CA GLN A 158 -11.29 7.78 -2.53
C GLN A 158 -10.62 8.58 -3.62
N ARG A 159 -11.16 8.51 -4.82
CA ARG A 159 -10.61 9.26 -5.95
C ARG A 159 -10.98 10.73 -5.79
N ILE A 160 -9.99 11.61 -5.86
CA ILE A 160 -10.24 13.05 -5.68
C ILE A 160 -9.91 13.89 -6.90
N ALA A 161 -9.11 13.38 -7.83
CA ALA A 161 -8.82 14.12 -9.05
C ALA A 161 -8.53 13.19 -10.21
N GLU A 162 -9.07 13.55 -11.39
CA GLU A 162 -8.80 12.84 -12.63
C GLU A 162 -8.50 13.86 -13.72
N ALA A 163 -7.43 13.63 -14.47
CA ALA A 163 -6.95 14.57 -15.49
C ALA A 163 -6.50 13.86 -16.75
N LYS A 164 -6.56 14.56 -17.87
CA LYS A 164 -5.95 14.11 -19.11
C LYS A 164 -5.47 15.33 -19.86
N ILE A 165 -4.30 15.21 -20.47
CA ILE A 165 -3.79 16.25 -21.36
C ILE A 165 -3.45 15.65 -22.72
N THR A 166 -3.48 16.49 -23.75
CA THR A 166 -3.06 16.11 -25.08
C THR A 166 -2.06 17.17 -25.55
N LEU A 167 -0.82 16.76 -25.81
CA LEU A 167 0.21 17.71 -26.19
C LEU A 167 0.04 18.22 -27.62
N GLU A 168 0.41 19.48 -27.83
CA GLU A 168 0.32 20.12 -29.14
C GLU A 168 1.65 20.68 -29.64
N GLN A 169 2.40 21.36 -28.77
CA GLN A 169 3.59 22.06 -29.21
C GLN A 169 4.52 22.35 -28.04
N PRO A 170 5.79 22.67 -28.32
CA PRO A 170 6.68 23.03 -27.21
C PRO A 170 6.18 24.27 -26.47
N VAL A 171 6.42 24.32 -25.17
CA VAL A 171 6.15 25.53 -24.40
C VAL A 171 7.00 26.66 -24.98
N PRO A 172 6.37 27.77 -25.41
CA PRO A 172 7.17 28.83 -26.03
C PRO A 172 8.25 29.41 -25.12
N ASP A 173 7.91 29.65 -23.86
CA ASP A 173 8.85 30.22 -22.90
C ASP A 173 8.92 29.38 -21.63
N PRO A 174 9.72 28.29 -21.66
CA PRO A 174 9.80 27.38 -20.51
C PRO A 174 10.32 28.04 -19.24
N ALA A 175 11.17 29.05 -19.40
CA ALA A 175 11.75 29.73 -18.25
C ALA A 175 10.67 30.40 -17.40
N ALA A 176 9.52 30.67 -18.02
CA ALA A 176 8.43 31.37 -17.35
C ALA A 176 7.37 30.43 -16.78
N LEU A 177 7.59 29.12 -16.84
CA LEU A 177 6.66 28.16 -16.26
C LEU A 177 6.59 28.31 -14.76
N MET A 178 5.38 28.24 -14.23
CA MET A 178 5.11 28.40 -12.80
C MET A 178 5.93 29.56 -12.22
N SER A 179 5.91 30.70 -12.91
CA SER A 179 6.72 31.85 -12.53
C SER A 179 6.30 32.49 -11.21
N ARG A 180 5.06 32.23 -10.80
CA ARG A 180 4.58 32.76 -9.53
C ARG A 180 5.24 32.02 -8.38
N PRO A 181 5.83 32.75 -7.43
CA PRO A 181 6.36 32.05 -6.27
C PRO A 181 5.25 31.41 -5.45
N VAL A 182 5.55 30.26 -4.87
CA VAL A 182 4.60 29.53 -4.06
C VAL A 182 4.64 30.03 -2.62
N ILE A 183 3.44 30.27 -2.07
CA ILE A 183 3.27 30.63 -0.67
C ILE A 183 2.66 29.45 0.08
N ASN A 184 3.22 29.19 1.26
CA ASN A 184 2.77 28.12 2.13
C ASN A 184 2.64 28.61 3.55
N LEU A 185 2.23 27.71 4.43
CA LEU A 185 1.99 28.02 5.83
C LEU A 185 2.60 26.93 6.71
N ARG A 186 3.71 27.24 7.36
CA ARG A 186 4.26 26.36 8.40
C ARG A 186 3.33 26.43 9.59
N HIS A 187 2.88 25.26 10.05
CA HIS A 187 1.87 25.18 11.09
C HIS A 187 2.08 23.93 11.93
N PHE A 188 2.23 24.10 13.24
CA PHE A 188 2.42 22.97 14.15
C PHE A 188 1.67 23.30 15.42
N PRO A 189 0.63 22.51 15.75
CA PRO A 189 -0.21 22.89 16.88
C PRO A 189 0.34 22.53 18.25
N ARG A 190 -0.31 23.07 19.27
CA ARG A 190 -0.04 22.67 20.65
C ARG A 190 -1.13 21.73 21.15
N LEU A 191 -0.74 20.85 22.07
CA LEU A 191 -1.67 19.90 22.67
C LEU A 191 -1.95 20.19 24.14
N ALA A 192 -1.11 21.03 24.76
CA ALA A 192 -1.33 21.45 26.14
C ALA A 192 -2.75 22.01 26.30
N ALA A 193 -3.43 21.55 27.34
CA ALA A 193 -4.80 21.95 27.58
C ALA A 193 -4.90 23.47 27.62
N GLY A 194 -5.92 24.01 26.96
CA GLY A 194 -6.13 25.44 26.90
C GLY A 194 -5.46 26.08 25.70
N GLN A 195 -4.58 25.35 25.03
CA GLN A 195 -3.80 25.91 23.93
C GLN A 195 -4.04 25.28 22.57
N HIS A 196 -5.15 24.56 22.43
CA HIS A 196 -5.40 23.85 21.18
C HIS A 196 -5.64 24.79 20.01
N ASP A 197 -5.92 26.06 20.31
CA ASP A 197 -6.11 27.08 19.28
C ASP A 197 -4.94 28.06 19.23
N GLN A 198 -3.84 27.69 19.89
CA GLN A 198 -2.65 28.54 19.97
C GLN A 198 -1.46 27.76 19.44
N PRO A 199 -1.36 27.60 18.11
CA PRO A 199 -0.29 26.76 17.57
C PRO A 199 1.11 27.28 17.90
N ALA A 200 2.05 26.37 18.06
CA ALA A 200 3.43 26.70 18.40
C ALA A 200 4.15 27.34 17.22
N VAL A 201 3.82 26.85 16.03
CA VAL A 201 4.34 27.40 14.78
C VAL A 201 3.14 27.76 13.90
N HIS A 202 3.14 28.98 13.38
CA HIS A 202 2.09 29.43 12.49
C HIS A 202 2.60 30.63 11.73
N GLU A 203 3.17 30.37 10.56
CA GLU A 203 3.79 31.46 9.80
C GLU A 203 3.71 31.24 8.30
N LEU A 204 3.37 32.31 7.60
CA LEU A 204 3.36 32.32 6.16
C LEU A 204 4.79 32.34 5.67
N VAL A 205 5.06 31.54 4.64
CA VAL A 205 6.38 31.43 4.07
C VAL A 205 6.29 31.46 2.56
N MET A 206 7.41 31.85 1.93
CA MET A 206 7.57 31.75 0.50
C MET A 206 8.62 30.70 0.19
N SER A 207 8.26 29.76 -0.69
CA SER A 207 9.15 28.72 -1.13
C SER A 207 10.35 29.33 -1.83
N VAL A 208 11.54 28.83 -1.48
CA VAL A 208 12.79 29.26 -2.10
C VAL A 208 13.41 28.04 -2.76
N LEU A 209 13.62 28.14 -4.07
CA LEU A 209 14.16 27.04 -4.87
C LEU A 209 15.50 27.44 -5.46
N ASP A 210 16.50 26.57 -5.33
CA ASP A 210 17.83 26.82 -5.85
C ASP A 210 18.05 26.09 -7.17
N ASP A 211 18.70 26.76 -8.11
CA ASP A 211 19.17 26.13 -9.35
C ASP A 211 18.04 25.49 -10.15
N THR A 212 16.89 26.14 -10.19
CA THR A 212 15.74 25.61 -10.90
C THR A 212 16.02 25.42 -12.38
N ALA A 213 15.58 24.27 -12.89
CA ALA A 213 15.74 23.93 -14.30
C ALA A 213 14.49 23.22 -14.78
N VAL A 214 14.11 23.52 -16.03
CA VAL A 214 13.04 22.82 -16.71
C VAL A 214 13.58 22.31 -18.04
N SER A 215 13.05 21.18 -18.48
CA SER A 215 13.39 20.65 -19.79
C SER A 215 12.20 19.94 -20.40
N ASP A 216 12.27 19.74 -21.71
CA ASP A 216 11.32 18.91 -22.45
C ASP A 216 9.89 19.39 -22.22
N ALA A 217 9.69 20.70 -22.28
CA ALA A 217 8.39 21.28 -21.92
C ALA A 217 7.45 21.39 -23.11
N TRP A 218 6.25 20.84 -22.93
CA TRP A 218 5.22 20.80 -23.96
C TRP A 218 3.94 21.36 -23.39
N VAL A 219 3.12 21.95 -24.26
CA VAL A 219 1.82 22.48 -23.88
C VAL A 219 0.76 21.92 -24.84
N GLY A 220 -0.47 21.84 -24.35
CA GLY A 220 -1.57 21.36 -25.15
C GLY A 220 -2.90 21.60 -24.46
N THR A 221 -3.84 20.69 -24.69
CA THR A 221 -5.19 20.81 -24.15
C THR A 221 -5.30 19.99 -22.88
N ALA A 222 -6.37 20.21 -22.12
CA ALA A 222 -6.54 19.50 -20.86
C ALA A 222 -7.98 19.32 -20.44
N ASP A 223 -8.20 18.25 -19.68
CA ASP A 223 -9.45 17.98 -18.98
C ASP A 223 -9.09 17.71 -17.53
N LEU A 224 -9.92 18.18 -16.61
CA LEU A 224 -9.66 17.99 -15.18
C LEU A 224 -10.97 18.04 -14.42
N ALA A 225 -11.11 17.17 -13.44
CA ALA A 225 -12.21 17.23 -12.49
C ALA A 225 -11.71 16.86 -11.10
N PHE A 226 -12.24 17.54 -10.10
CA PHE A 226 -12.09 17.17 -8.71
C PHE A 226 -13.37 16.45 -8.27
N LEU A 227 -13.24 15.40 -7.48
CA LEU A 227 -14.37 14.59 -7.06
C LEU A 227 -14.61 14.75 -5.57
N PRO A 228 -15.87 14.95 -5.15
CA PRO A 228 -16.15 15.01 -3.71
C PRO A 228 -15.72 13.73 -3.01
N ALA A 229 -15.17 13.90 -1.81
CA ALA A 229 -14.69 12.80 -1.00
C ALA A 229 -14.90 13.12 0.47
N HIS A 230 -15.23 12.12 1.26
CA HIS A 230 -15.33 12.31 2.69
C HIS A 230 -13.96 12.74 3.24
N GLY A 231 -13.96 13.76 4.09
CA GLY A 231 -12.75 14.19 4.76
C GLY A 231 -11.82 15.01 3.88
N GLU A 232 -12.32 15.47 2.74
CA GLU A 232 -11.55 16.29 1.82
C GLU A 232 -12.36 17.51 1.40
N GLU A 233 -11.67 18.58 1.02
CA GLU A 233 -12.31 19.81 0.56
C GLU A 233 -11.85 20.27 -0.82
N LEU A 234 -11.02 19.47 -1.49
CA LEU A 234 -10.52 19.83 -2.81
C LEU A 234 -11.67 20.12 -3.79
N ALA A 235 -12.69 19.28 -3.79
CA ALA A 235 -13.77 19.43 -4.76
C ALA A 235 -14.68 20.63 -4.47
N ASP A 236 -14.47 21.30 -3.35
CA ASP A 236 -15.13 22.56 -3.06
C ASP A 236 -14.48 23.73 -3.82
N LEU A 237 -13.48 23.39 -4.63
CA LEU A 237 -12.93 24.28 -5.66
C LEU A 237 -13.28 23.67 -7.01
N PRO A 238 -14.57 23.68 -7.37
CA PRO A 238 -14.96 22.97 -8.59
C PRO A 238 -14.29 23.49 -9.85
N VAL A 239 -13.89 22.59 -10.74
CA VAL A 239 -13.36 23.02 -12.02
C VAL A 239 -14.51 23.47 -12.91
N ARG A 240 -14.59 24.77 -13.14
CA ARG A 240 -15.62 25.33 -14.01
C ARG A 240 -15.19 25.25 -15.47
N ARG A 241 -13.90 25.37 -15.72
CA ARG A 241 -13.34 25.13 -17.04
C ARG A 241 -11.85 24.91 -16.92
N THR A 242 -11.28 24.28 -17.93
CA THR A 242 -9.84 24.04 -17.95
C THR A 242 -9.18 24.91 -18.99
N GLY A 243 -7.92 25.23 -18.73
CA GLY A 243 -7.09 25.94 -19.69
C GLY A 243 -6.08 24.96 -20.24
N LYS A 244 -4.82 25.39 -20.27
CA LYS A 244 -3.74 24.63 -20.89
C LYS A 244 -3.35 23.39 -20.09
N GLY A 245 -2.94 22.35 -20.81
CA GLY A 245 -2.24 21.22 -20.22
C GLY A 245 -0.75 21.36 -20.48
N PHE A 246 0.06 20.83 -19.58
CA PHE A 246 1.52 20.96 -19.66
C PHE A 246 2.20 19.66 -19.30
N HIS A 247 3.36 19.44 -19.89
CA HIS A 247 4.20 18.30 -19.55
C HIS A 247 5.64 18.77 -19.58
N PHE A 248 6.37 18.59 -18.48
CA PHE A 248 7.76 19.01 -18.43
C PHE A 248 8.54 18.34 -17.33
N ASP A 249 9.86 18.30 -17.48
CA ASP A 249 10.74 17.88 -16.40
C ASP A 249 11.12 19.11 -15.58
N LEU A 250 11.35 18.90 -14.29
CA LEU A 250 11.61 19.97 -13.34
C LEU A 250 12.67 19.50 -12.34
N ALA A 251 13.64 20.35 -12.05
CA ALA A 251 14.67 20.04 -11.06
C ALA A 251 14.99 21.29 -10.26
N TYR A 252 15.28 21.10 -8.97
CA TYR A 252 15.76 22.18 -8.11
C TYR A 252 16.30 21.58 -6.83
N THR A 253 16.89 22.45 -6.02
CA THR A 253 17.42 22.10 -4.71
C THR A 253 16.78 23.02 -3.67
N VAL A 254 16.52 22.48 -2.49
CA VAL A 254 16.02 23.26 -1.37
C VAL A 254 17.03 23.31 -0.24
N THR A 255 17.36 24.54 0.17
CA THR A 255 18.26 24.78 1.30
C THR A 255 17.76 25.88 2.25
N ASP A 256 16.67 26.55 1.88
CA ASP A 256 16.26 27.77 2.53
C ASP A 256 14.73 27.88 2.43
N LEU A 257 14.17 28.85 3.14
CA LEU A 257 12.73 29.11 3.16
C LEU A 257 12.58 30.52 3.71
N MET A 258 11.77 31.36 3.07
CA MET A 258 11.60 32.73 3.53
C MET A 258 10.36 32.89 4.40
N THR A 259 10.56 33.28 5.65
CA THR A 259 9.43 33.59 6.52
C THR A 259 8.90 34.99 6.17
N LEU A 260 7.60 35.06 5.89
CA LEU A 260 6.97 36.33 5.52
C LEU A 260 6.40 37.02 6.75
N ALA A 261 5.70 36.24 7.57
CA ALA A 261 5.07 36.76 8.78
C ALA A 261 4.85 35.63 9.77
N ASP A 262 5.25 35.86 11.02
CA ASP A 262 5.06 34.88 12.09
C ASP A 262 3.74 35.14 12.83
N HIS A 263 2.89 34.13 12.85
CA HIS A 263 1.56 34.22 13.47
C HIS A 263 0.74 35.35 12.86
N MET B 1 10.46 -30.34 -7.59
CA MET B 1 9.48 -29.28 -7.77
C MET B 1 8.20 -29.58 -6.99
N LYS B 2 8.03 -28.84 -5.89
CA LYS B 2 6.91 -29.03 -4.98
C LYS B 2 6.07 -27.78 -4.93
N GLY B 3 4.88 -27.89 -4.34
CA GLY B 3 4.01 -26.74 -4.17
C GLY B 3 2.59 -27.05 -4.60
N TYR B 4 1.65 -26.25 -4.13
CA TYR B 4 0.25 -26.42 -4.49
C TYR B 4 -0.13 -25.41 -5.58
N THR B 5 0.07 -24.13 -5.29
CA THR B 5 -0.03 -23.10 -6.31
C THR B 5 1.35 -22.68 -6.76
N VAL B 6 1.43 -21.85 -7.78
CA VAL B 6 2.70 -21.27 -8.19
C VAL B 6 3.15 -20.25 -7.16
N PRO B 7 4.46 -19.97 -7.09
CA PRO B 7 5.52 -20.71 -7.79
C PRO B 7 5.74 -22.07 -7.15
N LEU B 8 5.86 -23.09 -7.98
CA LEU B 8 6.36 -24.37 -7.53
C LEU B 8 7.85 -24.18 -7.29
N SER B 9 8.42 -24.97 -6.38
CA SER B 9 9.77 -24.70 -5.92
C SER B 9 10.38 -25.94 -5.31
N PRO B 10 11.70 -25.91 -5.05
CA PRO B 10 12.35 -27.08 -4.48
C PRO B 10 11.78 -27.50 -3.11
N ARG B 11 11.45 -26.56 -2.25
CA ARG B 11 11.00 -26.88 -0.88
C ARG B 11 9.50 -26.70 -0.67
N GLY B 12 8.78 -26.18 -1.66
CA GLY B 12 7.34 -26.03 -1.55
C GLY B 12 6.91 -24.98 -0.54
N ILE B 13 7.76 -23.98 -0.33
CA ILE B 13 7.50 -22.91 0.61
C ILE B 13 7.10 -21.64 -0.13
N ALA B 14 7.72 -21.41 -1.29
CA ALA B 14 7.54 -20.19 -2.04
C ALA B 14 6.12 -20.05 -2.62
N ASN B 15 5.40 -21.16 -2.76
CA ASN B 15 4.06 -21.09 -3.32
C ASN B 15 3.19 -20.06 -2.62
N LEU B 16 2.33 -19.42 -3.38
CA LEU B 16 1.44 -18.42 -2.82
C LEU B 16 0.55 -19.05 -1.74
N ALA B 17 0.07 -20.26 -2.02
CA ALA B 17 -0.71 -21.00 -1.05
C ALA B 17 -0.37 -22.48 -1.09
N PRO B 18 -0.19 -23.10 0.09
CA PRO B 18 0.03 -24.54 0.15
C PRO B 18 -1.29 -25.28 -0.01
N ALA B 19 -1.25 -26.60 -0.04
CA ALA B 19 -2.45 -27.40 -0.18
C ALA B 19 -3.32 -27.22 1.05
N PRO B 20 -4.63 -27.47 0.92
CA PRO B 20 -5.49 -27.53 2.11
C PRO B 20 -4.98 -28.57 3.11
N PRO B 21 -5.50 -28.57 4.35
CA PRO B 21 -6.61 -27.74 4.85
C PRO B 21 -6.30 -26.27 5.03
N TRP B 22 -7.29 -25.45 4.71
CA TRP B 22 -7.24 -24.02 4.96
C TRP B 22 -8.25 -23.71 6.05
N HIS B 23 -7.78 -23.08 7.12
CA HIS B 23 -8.63 -22.74 8.26
C HIS B 23 -8.88 -21.26 8.30
N TYR B 24 -10.08 -20.88 8.73
CA TYR B 24 -10.47 -19.48 8.73
C TYR B 24 -11.19 -19.09 10.03
N ALA B 25 -10.87 -17.90 10.53
CA ALA B 25 -11.65 -17.26 11.58
C ALA B 25 -11.80 -15.80 11.17
N GLY B 26 -13.03 -15.32 11.20
CA GLY B 26 -13.28 -13.95 10.81
C GLY B 26 -14.44 -13.29 11.52
N THR B 27 -14.54 -11.97 11.36
CA THR B 27 -15.62 -11.18 11.91
C THR B 27 -16.26 -10.46 10.72
N VAL B 28 -17.59 -10.59 10.66
CA VAL B 28 -18.38 -10.17 9.50
C VAL B 28 -19.30 -9.02 9.87
N VAL B 29 -19.28 -7.99 9.03
CA VAL B 29 -20.30 -6.95 9.00
C VAL B 29 -21.06 -7.16 7.70
N GLY B 30 -22.34 -7.47 7.82
CA GLY B 30 -23.17 -7.85 6.69
C GLY B 30 -24.38 -6.96 6.52
N VAL B 31 -24.78 -6.76 5.26
CA VAL B 31 -26.00 -6.02 4.94
C VAL B 31 -26.82 -6.73 3.88
N GLU B 32 -28.06 -7.05 4.23
CA GLU B 32 -29.03 -7.54 3.28
C GLU B 32 -29.50 -6.36 2.45
N PHE B 33 -29.55 -6.55 1.13
CA PHE B 33 -30.01 -5.49 0.24
C PHE B 33 -30.86 -6.06 -0.88
N PHE B 34 -31.53 -5.15 -1.59
CA PHE B 34 -32.40 -5.53 -2.68
C PHE B 34 -32.09 -4.64 -3.87
N THR B 35 -31.83 -5.29 -5.01
CA THR B 35 -31.56 -4.59 -6.26
C THR B 35 -32.64 -4.99 -7.29
N ASP B 36 -32.49 -4.52 -8.52
CA ASP B 36 -33.44 -4.90 -9.56
C ASP B 36 -33.28 -6.38 -9.86
N PRO B 37 -34.39 -7.15 -9.83
CA PRO B 37 -34.27 -8.57 -10.17
C PRO B 37 -33.55 -8.81 -11.51
N ALA B 38 -33.84 -8.01 -12.52
CA ALA B 38 -33.19 -8.16 -13.81
C ALA B 38 -31.68 -7.91 -13.75
N ALA B 39 -31.26 -6.94 -12.94
CA ALA B 39 -29.83 -6.66 -12.81
C ALA B 39 -29.11 -7.84 -12.16
N ALA B 40 -29.74 -8.43 -11.13
CA ALA B 40 -29.16 -9.59 -10.48
C ALA B 40 -29.10 -10.76 -11.46
N ALA B 41 -30.18 -10.96 -12.20
CA ALA B 41 -30.25 -12.07 -13.15
C ALA B 41 -29.18 -11.95 -14.23
N ALA B 42 -28.82 -10.73 -14.59
CA ALA B 42 -27.84 -10.49 -15.64
C ALA B 42 -26.45 -11.03 -15.28
N THR B 43 -26.16 -11.15 -13.99
CA THR B 43 -24.86 -11.65 -13.54
C THR B 43 -24.81 -13.17 -13.42
N LEU B 44 -25.96 -13.83 -13.54
CA LEU B 44 -26.04 -15.25 -13.24
C LEU B 44 -25.38 -16.10 -14.32
N PRO B 45 -24.63 -17.14 -13.90
CA PRO B 45 -24.04 -18.07 -14.88
C PRO B 45 -25.11 -19.00 -15.42
N GLU B 46 -24.78 -19.71 -16.50
CA GLU B 46 -25.76 -20.51 -17.23
C GLU B 46 -26.58 -21.47 -16.36
N GLY B 47 -25.94 -22.14 -15.42
CA GLY B 47 -26.60 -23.19 -14.65
C GLY B 47 -27.55 -22.73 -13.56
N LEU B 48 -27.55 -21.43 -13.27
CA LEU B 48 -28.41 -20.89 -12.22
C LEU B 48 -29.60 -20.16 -12.78
N THR B 49 -30.70 -20.16 -12.02
CA THR B 49 -31.91 -19.48 -12.42
C THR B 49 -32.35 -18.53 -11.31
N PRO B 50 -33.14 -17.49 -11.66
CA PRO B 50 -33.59 -16.54 -10.64
C PRO B 50 -34.37 -17.18 -9.50
N ASP B 51 -34.23 -16.64 -8.29
CA ASP B 51 -34.97 -17.12 -7.14
C ASP B 51 -36.45 -16.74 -7.33
N PRO B 52 -37.35 -17.73 -7.26
CA PRO B 52 -38.77 -17.42 -7.50
C PRO B 52 -39.43 -16.62 -6.38
N ASP B 53 -38.76 -16.53 -5.22
CA ASP B 53 -39.32 -15.85 -4.06
C ASP B 53 -38.59 -14.54 -3.72
N SER B 54 -37.27 -14.50 -3.93
CA SER B 54 -36.46 -13.36 -3.49
C SER B 54 -35.47 -12.88 -4.54
N ALA B 55 -35.85 -12.95 -5.82
CA ALA B 55 -35.01 -12.40 -6.88
C ALA B 55 -34.74 -10.93 -6.63
N GLY B 56 -33.48 -10.54 -6.70
CA GLY B 56 -33.08 -9.17 -6.44
C GLY B 56 -32.47 -9.00 -5.06
N ARG B 57 -32.70 -9.97 -4.18
CA ARG B 57 -32.10 -9.92 -2.84
C ARG B 57 -30.64 -10.33 -2.91
N GLY B 58 -29.83 -9.68 -2.09
CA GLY B 58 -28.43 -10.01 -1.98
C GLY B 58 -27.95 -9.71 -0.59
N VAL B 59 -26.70 -10.10 -0.33
CA VAL B 59 -26.04 -9.79 0.93
C VAL B 59 -24.65 -9.26 0.61
N ALA B 60 -24.30 -8.12 1.21
CA ALA B 60 -22.97 -7.55 1.11
C ALA B 60 -22.25 -7.88 2.39
N MET B 61 -21.02 -8.38 2.30
CA MET B 61 -20.26 -8.71 3.50
C MET B 61 -18.86 -8.12 3.48
N PHE B 62 -18.49 -7.56 4.63
CA PHE B 62 -17.16 -7.03 4.88
C PHE B 62 -16.58 -7.89 5.97
N ILE B 63 -15.43 -8.52 5.73
CA ILE B 63 -14.91 -9.51 6.67
C ILE B 63 -13.45 -9.26 7.00
N ASP B 64 -13.14 -9.31 8.28
CA ASP B 64 -11.75 -9.32 8.76
C ASP B 64 -11.37 -10.77 9.01
N TRP B 65 -10.56 -11.35 8.12
CA TRP B 65 -10.19 -12.76 8.18
C TRP B 65 -8.79 -12.99 8.72
N GLN B 66 -8.64 -14.16 9.32
CA GLN B 66 -7.34 -14.71 9.67
C GLN B 66 -7.33 -16.15 9.19
N TYR B 67 -6.27 -16.51 8.47
CA TYR B 67 -6.13 -17.82 7.87
C TYR B 67 -5.03 -18.61 8.59
N SER B 68 -5.16 -19.92 8.58
CA SER B 68 -4.05 -20.76 8.99
C SER B 68 -4.17 -22.09 8.30
N SER B 69 -3.09 -22.87 8.34
CA SER B 69 -3.12 -24.24 7.82
C SER B 69 -2.69 -25.17 8.94
N THR B 70 -1.79 -26.11 8.65
CA THR B 70 -1.44 -27.14 9.61
C THR B 70 -0.26 -26.78 10.52
N GLY B 71 0.25 -25.55 10.39
CA GLY B 71 1.48 -25.17 11.07
C GLY B 71 1.47 -23.83 11.77
N LEU B 72 0.31 -23.44 12.32
CA LEU B 72 0.18 -22.18 13.06
C LEU B 72 0.60 -20.99 12.20
N GLU B 73 0.18 -20.99 10.95
CA GLU B 73 0.44 -19.89 10.04
C GLU B 73 -0.17 -18.58 10.54
N TYR B 74 -1.13 -18.65 11.46
CA TYR B 74 -1.69 -17.41 12.00
C TYR B 74 -0.69 -16.63 12.86
N LEU B 75 0.45 -17.26 13.16
CA LEU B 75 1.53 -16.56 13.86
C LEU B 75 2.33 -15.65 12.94
N ASP B 76 1.98 -15.64 11.65
CA ASP B 76 2.59 -14.78 10.65
C ASP B 76 1.52 -13.88 10.01
N PRO B 77 1.01 -12.91 10.78
CA PRO B 77 -0.13 -12.11 10.33
C PRO B 77 0.14 -11.25 9.09
N ALA B 78 1.40 -10.96 8.82
CA ALA B 78 1.76 -10.22 7.61
C ALA B 78 1.38 -10.99 6.35
N ARG B 79 1.21 -12.31 6.48
CA ARG B 79 0.74 -13.14 5.37
C ARG B 79 -0.67 -13.67 5.58
N SER B 80 -1.03 -13.92 6.83
CA SER B 80 -2.23 -14.70 7.13
C SER B 80 -3.49 -13.88 7.39
N GLN B 81 -3.34 -12.58 7.66
CA GLN B 81 -4.49 -11.72 7.88
C GLN B 81 -4.85 -10.95 6.63
N TYR B 82 -6.15 -10.85 6.38
CA TYR B 82 -6.63 -10.08 5.25
C TYR B 82 -8.06 -9.64 5.47
N ARG B 83 -8.47 -8.66 4.67
CA ARG B 83 -9.81 -8.09 4.74
C ARG B 83 -10.47 -8.25 3.39
N GLU B 84 -11.77 -8.51 3.39
CA GLU B 84 -12.48 -8.98 2.22
C GLU B 84 -13.87 -8.36 2.14
N PHE B 85 -14.26 -7.98 0.93
CA PHE B 85 -15.60 -7.49 0.65
C PHE B 85 -16.19 -8.31 -0.49
N LEU B 86 -17.41 -8.82 -0.31
CA LEU B 86 -18.08 -9.55 -1.37
C LEU B 86 -19.57 -9.29 -1.35
N ILE B 87 -20.21 -9.59 -2.48
CA ILE B 87 -21.66 -9.67 -2.49
C ILE B 87 -22.06 -11.04 -2.96
N THR B 88 -23.19 -11.49 -2.45
CA THR B 88 -23.87 -12.66 -3.01
C THR B 88 -25.27 -12.24 -3.42
N LEU B 89 -25.84 -12.96 -4.39
CA LEU B 89 -27.17 -12.70 -4.89
C LEU B 89 -28.00 -13.96 -4.80
N ASP B 90 -29.22 -13.85 -4.29
CA ASP B 90 -30.12 -14.99 -4.22
C ASP B 90 -30.38 -15.55 -5.61
N ALA B 91 -30.38 -16.87 -5.69
CA ALA B 91 -30.71 -17.55 -6.93
C ALA B 91 -31.16 -18.95 -6.57
N HIS B 92 -31.59 -19.70 -7.59
CA HIS B 92 -31.91 -21.10 -7.42
C HIS B 92 -30.99 -21.98 -8.26
N CYS B 93 -30.69 -23.16 -7.74
CA CYS B 93 -30.01 -24.19 -8.51
C CYS B 93 -30.86 -25.44 -8.41
N ASN B 94 -31.55 -25.76 -9.49
CA ASN B 94 -32.45 -26.92 -9.52
C ASN B 94 -33.46 -26.87 -8.37
N GLY B 95 -34.06 -25.70 -8.18
CA GLY B 95 -35.14 -25.54 -7.22
C GLY B 95 -34.67 -25.36 -5.79
N ALA B 96 -33.35 -25.28 -5.60
CA ALA B 96 -32.77 -25.12 -4.27
C ALA B 96 -32.19 -23.71 -4.09
N PRO B 97 -32.49 -23.06 -2.96
CA PRO B 97 -31.96 -21.72 -2.73
C PRO B 97 -30.43 -21.71 -2.61
N VAL B 98 -29.80 -20.82 -3.36
CA VAL B 98 -28.35 -20.69 -3.33
C VAL B 98 -27.95 -19.21 -3.40
N ALA B 99 -26.66 -18.96 -3.25
CA ALA B 99 -26.12 -17.61 -3.22
C ALA B 99 -24.99 -17.52 -4.24
N TRP B 100 -25.23 -16.81 -5.33
CA TRP B 100 -24.22 -16.63 -6.37
C TRP B 100 -23.29 -15.46 -6.00
N CYS B 101 -21.99 -15.66 -6.15
CA CYS B 101 -21.01 -14.59 -5.89
C CYS B 101 -20.41 -14.03 -7.18
N PRO B 102 -20.84 -12.82 -7.58
CA PRO B 102 -20.30 -12.25 -8.81
C PRO B 102 -19.04 -11.43 -8.62
N TYR B 103 -18.90 -10.78 -7.46
CA TYR B 103 -17.81 -9.84 -7.23
C TYR B 103 -17.30 -9.98 -5.82
N ILE B 104 -15.98 -9.86 -5.66
CA ILE B 104 -15.34 -10.02 -4.36
C ILE B 104 -13.94 -9.42 -4.44
N TYR B 105 -13.53 -8.76 -3.36
CA TYR B 105 -12.30 -7.99 -3.30
C TYR B 105 -11.57 -8.32 -2.02
N VAL B 106 -10.25 -8.39 -2.09
CA VAL B 106 -9.45 -8.77 -0.93
C VAL B 106 -8.14 -7.99 -0.95
N ASP B 107 -7.49 -7.82 0.20
CA ASP B 107 -6.27 -7.02 0.27
C ASP B 107 -5.00 -7.87 0.39
N ASN B 108 -5.06 -9.10 -0.08
CA ASN B 108 -3.95 -10.04 0.08
C ASN B 108 -3.84 -10.99 -1.13
N ASP B 109 -2.63 -11.15 -1.67
CA ASP B 109 -2.47 -11.97 -2.87
C ASP B 109 -2.69 -13.46 -2.64
N ALA B 110 -2.28 -14.00 -1.49
CA ALA B 110 -2.51 -15.41 -1.21
C ALA B 110 -4.00 -15.70 -1.11
N ALA B 111 -4.74 -14.80 -0.46
CA ALA B 111 -6.18 -14.95 -0.39
C ALA B 111 -6.80 -14.89 -1.79
N MET B 112 -6.25 -14.03 -2.65
CA MET B 112 -6.77 -13.90 -4.00
C MET B 112 -6.56 -15.22 -4.76
N ALA B 113 -5.38 -15.82 -4.63
CA ALA B 113 -5.08 -17.07 -5.31
C ALA B 113 -5.90 -18.25 -4.77
N ARG B 114 -6.02 -18.37 -3.44
CA ARG B 114 -6.85 -19.41 -2.86
C ARG B 114 -8.29 -19.20 -3.33
N GLY B 115 -8.67 -17.94 -3.51
CA GLY B 115 -9.97 -17.59 -4.01
C GLY B 115 -10.22 -18.13 -5.41
N TRP B 116 -9.29 -17.85 -6.34
N TRP B 116 -9.28 -17.85 -6.31
CA TRP B 116 -9.48 -18.34 -7.72
CA TRP B 116 -9.36 -18.29 -7.69
C TRP B 116 -9.60 -19.85 -7.75
C TRP B 116 -9.54 -19.82 -7.78
N VAL B 117 -8.82 -20.55 -6.93
CA VAL B 117 -8.90 -22.00 -6.87
C VAL B 117 -10.31 -22.45 -6.44
N GLN B 118 -10.92 -21.70 -5.55
CA GLN B 118 -12.28 -22.00 -5.09
C GLN B 118 -13.34 -21.50 -6.07
N GLY B 119 -12.94 -20.67 -7.03
CA GLY B 119 -13.91 -20.07 -7.95
C GLY B 119 -14.45 -18.72 -7.51
N PHE B 120 -13.98 -18.20 -6.37
CA PHE B 120 -14.29 -16.84 -5.98
C PHE B 120 -13.51 -15.90 -6.90
N PRO B 121 -14.21 -14.98 -7.58
CA PRO B 121 -13.55 -14.15 -8.60
C PRO B 121 -12.83 -12.94 -8.00
N LYS B 122 -11.87 -13.22 -7.13
CA LYS B 122 -11.24 -12.17 -6.33
C LYS B 122 -10.32 -11.25 -7.11
N LYS B 123 -10.43 -9.96 -6.79
CA LYS B 123 -9.49 -8.94 -7.24
C LYS B 123 -8.98 -8.22 -5.99
N LEU B 124 -7.90 -7.46 -6.11
CA LEU B 124 -7.40 -6.71 -4.99
C LEU B 124 -8.26 -5.48 -4.71
N GLY B 125 -8.42 -5.18 -3.44
CA GLY B 125 -9.13 -4.00 -3.00
C GLY B 125 -8.70 -3.63 -1.60
N ALA B 126 -9.17 -2.50 -1.10
CA ALA B 126 -8.89 -2.05 0.26
C ALA B 126 -10.21 -2.09 0.99
N VAL B 127 -10.27 -2.86 2.07
CA VAL B 127 -11.51 -3.12 2.77
C VAL B 127 -11.30 -2.82 4.25
N HIS B 128 -12.29 -2.20 4.88
CA HIS B 128 -12.22 -1.84 6.30
C HIS B 128 -13.57 -1.96 6.96
N GLN B 129 -13.57 -2.33 8.24
CA GLN B 129 -14.76 -2.36 9.07
C GLN B 129 -14.43 -1.88 10.48
N THR B 130 -15.37 -1.15 11.09
CA THR B 130 -15.28 -0.79 12.50
C THR B 130 -15.12 -2.06 13.33
N ARG B 131 -14.29 -2.00 14.36
CA ARG B 131 -14.03 -3.13 15.25
C ARG B 131 -14.58 -2.82 16.65
N ALA B 132 -15.09 -3.84 17.33
CA ALA B 132 -15.52 -3.71 18.72
C ALA B 132 -14.42 -4.24 19.62
N TYR B 133 -14.05 -3.45 20.62
CA TYR B 133 -13.05 -3.85 21.61
C TYR B 133 -13.72 -4.01 22.97
N SER B 134 -13.43 -5.12 23.63
CA SER B 134 -14.12 -5.46 24.87
C SER B 134 -13.78 -4.51 26.01
N VAL B 135 -12.65 -3.82 25.92
CA VAL B 135 -12.27 -2.85 26.95
C VAL B 135 -13.27 -1.70 27.02
N GLY B 136 -13.90 -1.40 25.89
CA GLY B 136 -14.91 -0.36 25.83
C GLY B 136 -14.33 1.05 25.80
N GLY B 137 -15.19 2.03 26.04
CA GLY B 137 -14.82 3.43 25.97
C GLY B 137 -15.21 4.07 24.64
N PRO B 138 -14.99 5.39 24.53
CA PRO B 138 -15.44 6.16 23.36
C PRO B 138 -14.71 5.84 22.05
N GLY B 139 -13.64 5.04 22.09
CA GLY B 139 -12.96 4.63 20.88
C GLY B 139 -13.58 3.42 20.19
N THR B 140 -14.65 2.87 20.75
CA THR B 140 -15.24 1.65 20.21
C THR B 140 -16.75 1.59 20.43
N PRO B 141 -17.48 1.02 19.45
CA PRO B 141 -18.87 0.71 19.74
C PRO B 141 -18.97 -0.48 20.67
N VAL B 142 -20.16 -0.68 21.25
CA VAL B 142 -20.44 -1.88 22.02
C VAL B 142 -20.95 -2.96 21.05
N LEU B 143 -20.50 -4.19 21.24
CA LEU B 143 -21.06 -5.31 20.48
C LEU B 143 -22.33 -5.74 21.20
N GLY B 144 -23.41 -5.03 20.89
CA GLY B 144 -24.68 -5.16 21.58
C GLY B 144 -25.63 -4.08 21.09
N PRO B 145 -26.81 -3.97 21.72
CA PRO B 145 -27.80 -2.99 21.26
C PRO B 145 -27.24 -1.57 21.15
N GLY B 146 -27.50 -0.93 20.01
CA GLY B 146 -27.08 0.44 19.79
C GLY B 146 -25.72 0.57 19.14
N GLY B 147 -24.96 -0.52 19.10
CA GLY B 147 -23.62 -0.50 18.54
C GLY B 147 -23.64 -0.22 17.06
N GLN B 148 -22.88 0.79 16.64
CA GLN B 148 -22.83 1.18 15.23
C GLN B 148 -21.49 0.81 14.63
N PHE B 149 -21.53 0.26 13.42
CA PHE B 149 -20.34 -0.21 12.72
C PHE B 149 -20.37 0.25 11.28
N GLY B 150 -19.29 0.87 10.83
CA GLY B 150 -19.14 1.28 9.45
C GLY B 150 -18.23 0.32 8.69
N ALA B 151 -18.39 0.28 7.37
CA ALA B 151 -17.53 -0.52 6.53
C ALA B 151 -17.41 0.07 5.14
N THR B 152 -16.24 -0.06 4.54
CA THR B 152 -16.02 0.44 3.20
C THR B 152 -15.15 -0.49 2.37
N ALA B 153 -15.24 -0.34 1.05
CA ALA B 153 -14.37 -1.05 0.12
C ALA B 153 -14.00 -0.15 -1.05
N SER B 154 -12.74 -0.24 -1.46
CA SER B 154 -12.21 0.47 -2.62
C SER B 154 -11.45 -0.50 -3.50
N SER B 155 -11.38 -0.18 -4.78
CA SER B 155 -10.54 -0.92 -5.71
C SER B 155 -9.91 0.08 -6.67
N ALA B 156 -8.60 -0.10 -6.91
CA ALA B 156 -7.83 0.77 -7.80
C ALA B 156 -8.01 2.24 -7.40
N GLY B 157 -8.04 2.50 -6.10
CA GLY B 157 -8.14 3.86 -5.59
C GLY B 157 -9.50 4.50 -5.70
N GLN B 158 -10.53 3.70 -5.96
CA GLN B 158 -11.88 4.21 -6.10
C GLN B 158 -12.78 3.52 -5.10
N ARG B 159 -13.57 4.29 -4.36
CA ARG B 159 -14.51 3.75 -3.40
C ARG B 159 -15.66 3.09 -4.15
N ILE B 160 -15.97 1.84 -3.81
CA ILE B 160 -17.03 1.09 -4.50
C ILE B 160 -18.21 0.73 -3.59
N ALA B 161 -18.01 0.69 -2.28
CA ALA B 161 -19.09 0.38 -1.35
C ALA B 161 -18.89 1.07 0.00
N GLU B 162 -19.99 1.57 0.55
CA GLU B 162 -20.01 2.16 1.88
C GLU B 162 -21.24 1.65 2.62
N ALA B 163 -21.05 1.24 3.87
CA ALA B 163 -22.11 0.60 4.64
C ALA B 163 -22.06 1.02 6.10
N LYS B 164 -23.20 0.96 6.76
CA LYS B 164 -23.27 1.18 8.19
C LYS B 164 -24.39 0.35 8.76
N ILE B 165 -24.17 -0.27 9.92
CA ILE B 165 -25.20 -1.02 10.62
C ILE B 165 -25.36 -0.52 12.05
N THR B 166 -26.54 -0.72 12.61
CA THR B 166 -26.82 -0.42 14.00
C THR B 166 -27.44 -1.65 14.61
N LEU B 167 -26.79 -2.25 15.59
CA LEU B 167 -27.28 -3.50 16.17
C LEU B 167 -28.47 -3.27 17.10
N GLU B 168 -29.36 -4.26 17.14
CA GLU B 168 -30.55 -4.20 17.99
C GLU B 168 -30.71 -5.42 18.91
N GLN B 169 -30.54 -6.63 18.37
CA GLN B 169 -30.87 -7.84 19.10
C GLN B 169 -29.95 -8.99 18.69
N PRO B 170 -29.79 -10.00 19.55
CA PRO B 170 -29.06 -11.20 19.12
C PRO B 170 -29.79 -11.92 17.99
N VAL B 171 -29.05 -12.58 17.10
CA VAL B 171 -29.68 -13.37 16.04
C VAL B 171 -30.26 -14.63 16.68
N PRO B 172 -31.59 -14.83 16.55
CA PRO B 172 -32.16 -15.99 17.24
C PRO B 172 -31.78 -17.35 16.64
N ASP B 173 -31.36 -17.38 15.37
CA ASP B 173 -30.94 -18.63 14.73
C ASP B 173 -29.60 -18.46 13.99
N PRO B 174 -28.50 -18.37 14.76
CA PRO B 174 -27.18 -18.04 14.19
C PRO B 174 -26.70 -19.02 13.12
N ALA B 175 -26.90 -20.31 13.33
CA ALA B 175 -26.43 -21.33 12.39
C ALA B 175 -27.06 -21.14 11.01
N ALA B 176 -28.30 -20.65 10.99
CA ALA B 176 -29.03 -20.49 9.74
C ALA B 176 -28.55 -19.30 8.91
N LEU B 177 -27.59 -18.54 9.43
CA LEU B 177 -27.02 -17.43 8.66
C LEU B 177 -26.29 -17.97 7.43
N MET B 178 -25.82 -19.21 7.51
CA MET B 178 -25.06 -19.84 6.42
C MET B 178 -25.90 -20.87 5.65
N SER B 179 -27.22 -20.69 5.63
CA SER B 179 -28.11 -21.70 5.05
C SER B 179 -27.98 -21.86 3.54
N ARG B 180 -27.86 -20.75 2.82
CA ARG B 180 -27.72 -20.78 1.37
C ARG B 180 -26.27 -21.08 0.96
N PRO B 181 -26.03 -22.22 0.30
CA PRO B 181 -24.64 -22.45 -0.11
C PRO B 181 -24.21 -21.48 -1.20
N VAL B 182 -22.93 -21.14 -1.21
CA VAL B 182 -22.40 -20.24 -2.22
C VAL B 182 -22.05 -21.01 -3.49
N ILE B 183 -22.42 -20.41 -4.63
CA ILE B 183 -22.07 -20.95 -5.93
C ILE B 183 -21.03 -20.03 -6.56
N ASN B 184 -19.99 -20.65 -7.13
CA ASN B 184 -18.91 -19.91 -7.77
C ASN B 184 -18.58 -20.50 -9.13
N LEU B 185 -17.64 -19.87 -9.83
CA LEU B 185 -17.21 -20.31 -11.14
C LEU B 185 -15.69 -20.36 -11.21
N ARG B 186 -15.13 -21.56 -11.20
CA ARG B 186 -13.72 -21.75 -11.47
C ARG B 186 -13.49 -21.44 -12.93
N HIS B 187 -12.57 -20.53 -13.21
CA HIS B 187 -12.35 -20.07 -14.56
C HIS B 187 -10.89 -19.71 -14.76
N PHE B 188 -10.26 -20.31 -15.77
CA PHE B 188 -8.87 -20.01 -16.09
C PHE B 188 -8.72 -20.00 -17.60
N PRO B 189 -8.34 -18.84 -18.19
CA PRO B 189 -8.35 -18.75 -19.65
C PRO B 189 -7.13 -19.36 -20.34
N ARG B 190 -7.24 -19.48 -21.66
CA ARG B 190 -6.12 -19.87 -22.51
C ARG B 190 -5.57 -18.64 -23.21
N LEU B 191 -4.27 -18.64 -23.46
CA LEU B 191 -3.59 -17.56 -24.16
C LEU B 191 -3.17 -17.97 -25.59
N ALA B 192 -3.16 -19.26 -25.88
CA ALA B 192 -2.80 -19.73 -27.23
C ALA B 192 -3.68 -19.05 -28.25
N ALA B 193 -3.09 -18.58 -29.34
CA ALA B 193 -3.83 -17.87 -30.37
C ALA B 193 -4.99 -18.73 -30.89
N GLY B 194 -6.14 -18.09 -31.08
CA GLY B 194 -7.34 -18.79 -31.51
C GLY B 194 -8.15 -19.37 -30.36
N GLN B 195 -7.60 -19.35 -29.15
CA GLN B 195 -8.23 -20.01 -27.99
C GLN B 195 -8.63 -19.03 -26.88
N HIS B 196 -8.63 -17.74 -27.17
CA HIS B 196 -8.91 -16.75 -26.13
C HIS B 196 -10.35 -16.82 -25.62
N ASP B 197 -11.20 -17.47 -26.40
CA ASP B 197 -12.61 -17.68 -26.06
C ASP B 197 -12.88 -19.11 -25.60
N GLN B 198 -11.80 -19.87 -25.36
CA GLN B 198 -11.91 -21.28 -24.99
C GLN B 198 -11.13 -21.54 -23.71
N PRO B 199 -11.70 -21.16 -22.55
CA PRO B 199 -10.95 -21.30 -21.30
C PRO B 199 -10.58 -22.74 -20.98
N ALA B 200 -9.41 -22.91 -20.36
CA ALA B 200 -8.91 -24.22 -20.00
C ALA B 200 -9.70 -24.80 -18.83
N VAL B 201 -10.12 -23.93 -17.91
CA VAL B 201 -10.99 -24.31 -16.82
C VAL B 201 -12.22 -23.41 -16.86
N HIS B 202 -13.39 -24.00 -16.78
CA HIS B 202 -14.64 -23.24 -16.76
C HIS B 202 -15.73 -24.15 -16.22
N GLU B 203 -15.99 -24.04 -14.92
CA GLU B 203 -16.91 -24.96 -14.27
C GLU B 203 -17.58 -24.33 -13.06
N LEU B 204 -18.89 -24.55 -12.99
CA LEU B 204 -19.70 -24.07 -11.89
C LEU B 204 -19.46 -24.98 -10.69
N VAL B 205 -19.26 -24.38 -9.53
CA VAL B 205 -18.92 -25.13 -8.33
C VAL B 205 -19.76 -24.66 -7.14
N MET B 206 -19.92 -25.54 -6.17
CA MET B 206 -20.54 -25.19 -4.90
C MET B 206 -19.49 -25.23 -3.81
N SER B 207 -19.41 -24.14 -3.04
CA SER B 207 -18.51 -24.05 -1.90
C SER B 207 -18.84 -25.14 -0.88
N VAL B 208 -17.80 -25.82 -0.42
CA VAL B 208 -17.94 -26.81 0.65
C VAL B 208 -17.16 -26.34 1.86
N LEU B 209 -17.85 -26.19 2.98
CA LEU B 209 -17.25 -25.69 4.21
C LEU B 209 -17.31 -26.75 5.30
N ASP B 210 -16.16 -27.01 5.93
CA ASP B 210 -16.09 -28.00 7.00
C ASP B 210 -16.18 -27.32 8.37
N ASP B 211 -16.94 -27.92 9.27
CA ASP B 211 -16.95 -27.52 10.68
C ASP B 211 -17.33 -26.06 10.86
N THR B 212 -18.32 -25.60 10.11
CA THR B 212 -18.74 -24.21 10.18
C THR B 212 -19.25 -23.86 11.57
N ALA B 213 -18.81 -22.72 12.09
CA ALA B 213 -19.28 -22.20 13.37
C ALA B 213 -19.56 -20.71 13.26
N VAL B 214 -20.62 -20.28 13.92
CA VAL B 214 -20.98 -18.88 14.02
C VAL B 214 -21.14 -18.55 15.49
N SER B 215 -20.67 -17.38 15.90
CA SER B 215 -20.83 -16.92 17.27
C SER B 215 -21.07 -15.42 17.34
N ASP B 216 -21.57 -14.98 18.49
CA ASP B 216 -21.72 -13.55 18.78
C ASP B 216 -22.52 -12.84 17.71
N ALA B 217 -23.60 -13.47 17.26
CA ALA B 217 -24.37 -12.95 16.13
C ALA B 217 -25.42 -11.94 16.58
N TRP B 218 -25.44 -10.79 15.89
CA TRP B 218 -26.36 -9.70 16.19
C TRP B 218 -27.00 -9.22 14.90
N VAL B 219 -28.22 -8.70 15.01
CA VAL B 219 -28.97 -8.19 13.87
C VAL B 219 -29.48 -6.80 14.21
N GLY B 220 -29.63 -5.96 13.19
CA GLY B 220 -30.17 -4.64 13.37
C GLY B 220 -30.51 -3.99 12.04
N THR B 221 -30.30 -2.67 11.96
CA THR B 221 -30.65 -1.92 10.76
C THR B 221 -29.39 -1.66 9.95
N ALA B 222 -29.56 -1.20 8.71
CA ALA B 222 -28.44 -1.05 7.80
C ALA B 222 -28.66 0.02 6.75
N ASP B 223 -27.56 0.66 6.37
CA ASP B 223 -27.49 1.53 5.20
C ASP B 223 -26.37 1.01 4.31
N LEU B 224 -26.59 1.04 2.99
CA LEU B 224 -25.60 0.55 2.03
C LEU B 224 -25.72 1.30 0.73
N ALA B 225 -24.56 1.64 0.15
CA ALA B 225 -24.50 2.20 -1.18
C ALA B 225 -23.35 1.60 -1.97
N PHE B 226 -23.61 1.32 -3.25
CA PHE B 226 -22.55 0.97 -4.19
C PHE B 226 -22.26 2.20 -5.04
N LEU B 227 -20.98 2.46 -5.29
CA LEU B 227 -20.59 3.65 -6.03
C LEU B 227 -20.02 3.29 -7.39
N PRO B 228 -20.44 4.01 -8.44
CA PRO B 228 -19.84 3.77 -9.76
C PRO B 228 -18.34 3.99 -9.73
N ALA B 229 -17.61 3.14 -10.43
CA ALA B 229 -16.16 3.22 -10.49
C ALA B 229 -15.69 2.73 -11.83
N HIS B 230 -14.65 3.35 -12.38
CA HIS B 230 -14.10 2.91 -13.65
C HIS B 230 -13.54 1.51 -13.48
N GLY B 231 -13.90 0.61 -14.40
CA GLY B 231 -13.38 -0.75 -14.39
C GLY B 231 -14.10 -1.69 -13.42
N GLU B 232 -15.23 -1.25 -12.88
CA GLU B 232 -16.05 -2.08 -12.00
C GLU B 232 -17.49 -2.06 -12.46
N GLU B 233 -18.25 -3.08 -12.07
CA GLU B 233 -19.66 -3.19 -12.45
C GLU B 233 -20.57 -3.41 -11.25
N LEU B 234 -19.99 -3.35 -10.04
CA LEU B 234 -20.78 -3.53 -8.83
C LEU B 234 -21.98 -2.59 -8.77
N ALA B 235 -21.76 -1.32 -9.09
CA ALA B 235 -22.83 -0.34 -8.96
C ALA B 235 -23.93 -0.53 -10.00
N ASP B 236 -23.76 -1.45 -10.95
CA ASP B 236 -24.84 -1.81 -11.86
C ASP B 236 -25.88 -2.73 -11.16
N LEU B 237 -25.62 -3.04 -9.90
CA LEU B 237 -26.59 -3.68 -9.01
C LEU B 237 -27.01 -2.66 -7.96
N PRO B 238 -27.73 -1.61 -8.40
CA PRO B 238 -28.08 -0.51 -7.49
C PRO B 238 -28.88 -0.96 -6.28
N VAL B 239 -28.54 -0.40 -5.12
CA VAL B 239 -29.27 -0.67 -3.89
C VAL B 239 -30.60 0.09 -3.91
N ARG B 240 -31.69 -0.63 -4.13
CA ARG B 240 -33.03 -0.03 -4.14
C ARG B 240 -33.56 0.12 -2.71
N ARG B 241 -33.19 -0.80 -1.83
CA ARG B 241 -33.46 -0.66 -0.41
C ARG B 241 -32.56 -1.63 0.36
N THR B 242 -32.38 -1.35 1.65
CA THR B 242 -31.63 -2.23 2.52
C THR B 242 -32.55 -2.96 3.48
N GLY B 243 -32.16 -4.17 3.84
CA GLY B 243 -32.85 -4.94 4.86
C GLY B 243 -32.00 -4.94 6.11
N LYS B 244 -31.86 -6.13 6.70
CA LYS B 244 -31.17 -6.26 7.99
C LYS B 244 -29.67 -6.03 7.87
N GLY B 245 -29.11 -5.46 8.94
CA GLY B 245 -27.67 -5.44 9.15
C GLY B 245 -27.32 -6.58 10.10
N PHE B 246 -26.14 -7.17 9.93
CA PHE B 246 -25.69 -8.31 10.73
C PHE B 246 -24.27 -8.15 11.17
N HIS B 247 -23.94 -8.67 12.34
CA HIS B 247 -22.58 -8.72 12.83
C HIS B 247 -22.38 -10.08 13.49
N PHE B 248 -21.37 -10.83 13.06
CA PHE B 248 -21.11 -12.13 13.66
C PHE B 248 -19.70 -12.61 13.38
N ASP B 249 -19.22 -13.52 14.23
CA ASP B 249 -17.97 -14.22 13.96
C ASP B 249 -18.28 -15.49 13.18
N LEU B 250 -17.31 -15.91 12.38
CA LEU B 250 -17.49 -17.04 11.48
C LEU B 250 -16.19 -17.82 11.39
N ALA B 251 -16.29 -19.15 11.46
CA ALA B 251 -15.13 -20.00 11.30
C ALA B 251 -15.49 -21.22 10.48
N TYR B 252 -14.54 -21.70 9.69
CA TYR B 252 -14.68 -22.95 8.98
C TYR B 252 -13.35 -23.38 8.38
N THR B 253 -13.36 -24.59 7.83
CA THR B 253 -12.20 -25.15 7.17
C THR B 253 -12.58 -25.55 5.75
N VAL B 254 -11.63 -25.39 4.83
CA VAL B 254 -11.83 -25.78 3.43
C VAL B 254 -10.84 -26.89 3.08
N THR B 255 -11.39 -28.00 2.58
CA THR B 255 -10.59 -29.14 2.12
C THR B 255 -11.12 -29.72 0.80
N ASP B 256 -12.23 -29.17 0.32
CA ASP B 256 -12.98 -29.80 -0.77
C ASP B 256 -13.73 -28.73 -1.55
N LEU B 257 -14.31 -29.13 -2.67
CA LEU B 257 -15.07 -28.25 -3.54
C LEU B 257 -15.90 -29.12 -4.47
N MET B 258 -17.18 -28.83 -4.59
CA MET B 258 -18.05 -29.65 -5.42
C MET B 258 -18.22 -29.06 -6.81
N THR B 259 -17.73 -29.77 -7.81
CA THR B 259 -17.99 -29.38 -9.20
C THR B 259 -19.42 -29.78 -9.57
N LEU B 260 -20.21 -28.80 -10.00
CA LEU B 260 -21.59 -29.03 -10.39
C LEU B 260 -21.67 -29.42 -11.86
N MET C 1 -9.49 28.73 6.88
CA MET C 1 -8.35 28.68 7.83
C MET C 1 -8.75 28.03 9.17
N LYS C 2 -9.83 27.25 9.15
CA LYS C 2 -10.18 26.40 10.28
C LYS C 2 -9.35 25.12 10.22
N GLY C 3 -9.32 24.39 11.31
CA GLY C 3 -8.58 23.14 11.37
C GLY C 3 -7.58 23.14 12.50
N TYR C 4 -7.13 21.95 12.87
CA TYR C 4 -6.18 21.77 13.97
C TYR C 4 -4.78 21.52 13.42
N THR C 5 -4.58 20.42 12.69
CA THR C 5 -3.34 20.24 11.91
C THR C 5 -3.57 20.74 10.48
N VAL C 6 -2.50 20.80 9.70
CA VAL C 6 -2.62 21.08 8.28
C VAL C 6 -3.30 19.90 7.56
N PRO C 7 -3.89 20.15 6.39
CA PRO C 7 -4.16 21.47 5.81
C PRO C 7 -5.27 22.18 6.58
N LEU C 8 -5.06 23.47 6.83
CA LEU C 8 -6.14 24.33 7.30
C LEU C 8 -7.02 24.59 6.09
N SER C 9 -8.29 24.89 6.32
CA SER C 9 -9.25 24.90 5.24
C SER C 9 -10.48 25.71 5.61
N PRO C 10 -11.36 25.96 4.63
CA PRO C 10 -12.55 26.75 4.96
C PRO C 10 -13.45 26.07 5.98
N ARG C 11 -13.52 24.74 5.99
CA ARG C 11 -14.48 24.05 6.86
C ARG C 11 -13.85 23.27 8.01
N GLY C 12 -12.53 23.13 8.03
CA GLY C 12 -11.86 22.39 9.08
C GLY C 12 -12.08 20.89 8.98
N ILE C 13 -12.37 20.41 7.77
CA ILE C 13 -12.57 18.99 7.54
C ILE C 13 -11.31 18.32 6.95
N ALA C 14 -10.65 19.02 6.04
CA ALA C 14 -9.50 18.47 5.33
C ALA C 14 -8.30 18.20 6.24
N ASN C 15 -8.23 18.82 7.41
CA ASN C 15 -7.07 18.61 8.28
C ASN C 15 -6.81 17.14 8.53
N LEU C 16 -5.54 16.79 8.63
CA LEU C 16 -5.17 15.41 8.89
C LEU C 16 -5.80 14.93 10.18
N ALA C 17 -5.78 15.79 11.21
CA ALA C 17 -6.45 15.49 12.46
C ALA C 17 -7.12 16.72 13.03
N PRO C 18 -8.34 16.58 13.57
CA PRO C 18 -8.99 17.68 14.26
C PRO C 18 -8.44 17.80 15.66
N ALA C 19 -8.95 18.78 16.40
CA ALA C 19 -8.50 18.97 17.77
C ALA C 19 -8.97 17.80 18.62
N PRO C 20 -8.29 17.59 19.76
CA PRO C 20 -8.81 16.66 20.76
C PRO C 20 -10.23 17.06 21.19
N PRO C 21 -10.96 16.15 21.83
CA PRO C 21 -10.47 14.87 22.34
C PRO C 21 -10.22 13.79 21.29
N TRP C 22 -9.16 13.01 21.53
CA TRP C 22 -8.85 11.84 20.74
C TRP C 22 -9.07 10.61 21.61
N HIS C 23 -9.89 9.68 21.13
CA HIS C 23 -10.22 8.47 21.89
C HIS C 23 -9.58 7.27 21.22
N TYR C 24 -9.14 6.32 22.03
CA TYR C 24 -8.43 5.13 21.53
C TYR C 24 -8.94 3.87 22.18
N ALA C 25 -9.07 2.82 21.38
CA ALA C 25 -9.31 1.47 21.88
C ALA C 25 -8.40 0.56 21.07
N GLY C 26 -7.68 -0.32 21.76
CA GLY C 26 -6.70 -1.15 21.08
C GLY C 26 -6.41 -2.47 21.77
N THR C 27 -5.71 -3.33 21.03
CA THR C 27 -5.26 -4.61 21.54
C THR C 27 -3.75 -4.68 21.35
N VAL C 28 -3.06 -5.02 22.44
CA VAL C 28 -1.61 -4.97 22.51
C VAL C 28 -0.99 -6.36 22.62
N VAL C 29 0.01 -6.63 21.77
CA VAL C 29 0.91 -7.76 21.94
C VAL C 29 2.24 -7.14 22.28
N GLY C 30 2.81 -7.51 23.41
CA GLY C 30 4.02 -6.85 23.88
C GLY C 30 5.08 -7.77 24.42
N VAL C 31 6.32 -7.29 24.37
CA VAL C 31 7.45 -8.04 24.88
C VAL C 31 8.39 -7.16 25.68
N GLU C 32 8.64 -7.54 26.91
CA GLU C 32 9.69 -6.96 27.72
C GLU C 32 11.04 -7.47 27.23
N PHE C 33 11.99 -6.57 27.03
CA PHE C 33 13.31 -6.97 26.56
C PHE C 33 14.41 -6.24 27.30
N PHE C 34 15.64 -6.74 27.12
CA PHE C 34 16.82 -6.15 27.73
C PHE C 34 17.88 -5.98 26.67
N THR C 35 18.35 -4.74 26.53
CA THR C 35 19.45 -4.44 25.61
C THR C 35 20.64 -3.94 26.43
N ASP C 36 21.69 -3.50 25.76
CA ASP C 36 22.85 -2.99 26.47
C ASP C 36 22.50 -1.66 27.13
N PRO C 37 22.80 -1.51 28.43
CA PRO C 37 22.54 -0.22 29.08
C PRO C 37 23.10 0.98 28.32
N ALA C 38 24.33 0.88 27.80
CA ALA C 38 24.92 1.99 27.08
C ALA C 38 24.18 2.31 25.77
N ALA C 39 23.61 1.30 25.12
CA ALA C 39 22.85 1.50 23.90
C ALA C 39 21.57 2.27 24.19
N ALA C 40 20.88 1.87 25.25
CA ALA C 40 19.69 2.60 25.69
C ALA C 40 20.05 4.03 26.07
N ALA C 41 21.13 4.20 26.82
CA ALA C 41 21.53 5.53 27.27
C ALA C 41 21.84 6.46 26.10
N ALA C 42 22.36 5.91 25.01
CA ALA C 42 22.73 6.71 23.85
C ALA C 42 21.50 7.37 23.19
N THR C 43 20.31 6.82 23.42
CA THR C 43 19.10 7.35 22.80
C THR C 43 18.45 8.44 23.65
N LEU C 44 18.92 8.64 24.88
CA LEU C 44 18.22 9.50 25.82
C LEU C 44 18.43 10.99 25.52
N PRO C 45 17.34 11.78 25.52
CA PRO C 45 17.46 13.22 25.34
C PRO C 45 18.02 13.90 26.57
N GLU C 46 18.44 15.15 26.42
CA GLU C 46 18.80 15.99 27.55
C GLU C 46 17.60 16.04 28.50
N GLY C 47 17.84 15.82 29.78
CA GLY C 47 16.77 15.85 30.77
C GLY C 47 16.44 14.48 31.32
N LEU C 48 16.77 13.44 30.56
CA LEU C 48 16.58 12.07 31.05
C LEU C 48 17.94 11.46 31.39
N THR C 49 17.93 10.61 32.41
CA THR C 49 19.13 9.93 32.87
C THR C 49 18.88 8.43 32.88
N PRO C 50 19.97 7.63 32.88
CA PRO C 50 19.78 6.17 32.92
C PRO C 50 19.05 5.70 34.18
N ASP C 51 18.21 4.68 34.04
CA ASP C 51 17.57 4.07 35.19
C ASP C 51 18.63 3.40 36.05
N PRO C 52 18.73 3.80 37.33
CA PRO C 52 19.80 3.24 38.17
C PRO C 52 19.60 1.77 38.52
N ASP C 53 18.39 1.26 38.31
CA ASP C 53 18.05 -0.12 38.67
C ASP C 53 17.85 -1.04 37.46
N SER C 54 17.28 -0.51 36.38
CA SER C 54 16.94 -1.33 35.22
C SER C 54 17.37 -0.75 33.89
N ALA C 55 18.50 -0.03 33.86
CA ALA C 55 19.04 0.47 32.60
C ALA C 55 19.19 -0.68 31.60
N GLY C 56 18.77 -0.45 30.36
CA GLY C 56 18.80 -1.50 29.35
C GLY C 56 17.45 -2.19 29.17
N ARG C 57 16.57 -2.11 30.17
CA ARG C 57 15.24 -2.71 30.02
C ARG C 57 14.39 -1.86 29.09
N GLY C 58 13.60 -2.53 28.26
CA GLY C 58 12.62 -1.86 27.44
C GLY C 58 11.40 -2.72 27.20
N VAL C 59 10.42 -2.14 26.54
CA VAL C 59 9.21 -2.86 26.17
C VAL C 59 8.90 -2.57 24.71
N ALA C 60 8.63 -3.63 23.96
CA ALA C 60 8.18 -3.53 22.58
C ALA C 60 6.70 -3.83 22.54
N MET C 61 5.93 -2.97 21.87
CA MET C 61 4.50 -3.18 21.76
C MET C 61 4.05 -3.09 20.31
N PHE C 62 3.17 -4.02 19.95
CA PHE C 62 2.51 -4.05 18.65
C PHE C 62 1.04 -3.89 18.97
N ILE C 63 0.41 -2.85 18.43
CA ILE C 63 -0.95 -2.49 18.82
C ILE C 63 -1.87 -2.36 17.60
N ASP C 64 -3.04 -2.97 17.69
CA ASP C 64 -4.11 -2.75 16.71
C ASP C 64 -5.03 -1.70 17.32
N TRP C 65 -4.99 -0.49 16.78
CA TRP C 65 -5.72 0.66 17.30
C TRP C 65 -6.95 1.03 16.50
N GLN C 66 -7.94 1.56 17.20
CA GLN C 66 -9.04 2.28 16.62
C GLN C 66 -9.17 3.62 17.33
N TYR C 67 -9.24 4.68 16.54
CA TYR C 67 -9.37 6.04 17.01
C TYR C 67 -10.77 6.58 16.78
N SER C 68 -11.19 7.51 17.63
CA SER C 68 -12.37 8.30 17.33
C SER C 68 -12.24 9.65 18.02
N SER C 69 -13.10 10.59 17.64
CA SER C 69 -13.15 11.88 18.31
C SER C 69 -14.60 12.15 18.72
N THR C 70 -15.14 13.33 18.42
CA THR C 70 -16.45 13.71 18.93
C THR C 70 -17.62 13.34 18.02
N GLY C 71 -17.34 12.70 16.88
CA GLY C 71 -18.37 12.47 15.88
C GLY C 71 -18.46 11.07 15.33
N LEU C 72 -18.14 10.07 16.15
CA LEU C 72 -18.19 8.67 15.75
C LEU C 72 -17.30 8.39 14.53
N GLU C 73 -16.11 8.98 14.57
CA GLU C 73 -15.12 8.76 13.54
C GLU C 73 -14.74 7.28 13.40
N TYR C 74 -14.98 6.46 14.42
CA TYR C 74 -14.71 5.04 14.29
C TYR C 74 -15.60 4.36 13.23
N LEU C 75 -16.64 5.06 12.77
CA LEU C 75 -17.47 4.56 11.68
C LEU C 75 -16.79 4.69 10.31
N ASP C 76 -15.61 5.29 10.29
CA ASP C 76 -14.82 5.47 9.07
C ASP C 76 -13.47 4.77 9.25
N PRO C 77 -13.48 3.43 9.29
CA PRO C 77 -12.26 2.70 9.59
C PRO C 77 -11.11 2.89 8.59
N ALA C 78 -11.42 3.28 7.35
CA ALA C 78 -10.37 3.56 6.37
C ALA C 78 -9.47 4.71 6.83
N ARG C 79 -9.96 5.55 7.73
CA ARG C 79 -9.16 6.62 8.33
C ARG C 79 -8.82 6.36 9.79
N SER C 80 -9.74 5.72 10.53
CA SER C 80 -9.65 5.66 11.99
C SER C 80 -8.95 4.44 12.57
N GLN C 81 -8.75 3.40 11.77
CA GLN C 81 -8.03 2.21 12.20
C GLN C 81 -6.59 2.22 11.75
N TYR C 82 -5.72 1.79 12.64
CA TYR C 82 -4.31 1.69 12.30
C TYR C 82 -3.58 0.75 13.22
N ARG C 83 -2.36 0.40 12.81
CA ARG C 83 -1.54 -0.53 13.55
C ARG C 83 -0.20 0.12 13.82
N GLU C 84 0.36 -0.16 15.00
CA GLU C 84 1.47 0.62 15.52
C GLU C 84 2.46 -0.30 16.23
N PHE C 85 3.75 -0.02 16.03
CA PHE C 85 4.82 -0.70 16.73
C PHE C 85 5.68 0.35 17.38
N LEU C 86 5.96 0.19 18.67
CA LEU C 86 6.86 1.10 19.34
C LEU C 86 7.72 0.38 20.35
N ILE C 87 8.80 1.04 20.73
CA ILE C 87 9.54 0.62 21.91
C ILE C 87 9.65 1.75 22.91
N THR C 88 9.72 1.38 24.17
CA THR C 88 10.09 2.32 25.22
C THR C 88 11.28 1.75 25.97
N LEU C 89 12.04 2.63 26.60
CA LEU C 89 13.23 2.26 27.32
C LEU C 89 13.17 2.86 28.71
N ASP C 90 13.45 2.03 29.71
CA ASP C 90 13.48 2.53 31.08
C ASP C 90 14.50 3.64 31.21
N ALA C 91 14.10 4.68 31.94
CA ALA C 91 14.99 5.80 32.23
C ALA C 91 14.49 6.50 33.47
N HIS C 92 15.19 7.55 33.89
CA HIS C 92 14.77 8.39 35.00
C HIS C 92 14.59 9.85 34.59
N CYS C 93 13.58 10.49 35.18
CA CYS C 93 13.34 11.91 35.00
C CYS C 93 13.34 12.59 36.37
N ASN C 94 14.29 13.49 36.58
CA ASN C 94 14.45 14.19 37.85
C ASN C 94 14.44 13.23 39.03
N GLY C 95 15.08 12.09 38.86
CA GLY C 95 15.17 11.08 39.90
C GLY C 95 14.00 10.12 39.91
N ALA C 96 13.07 10.29 38.98
CA ALA C 96 11.84 9.49 38.96
C ALA C 96 11.75 8.59 37.72
N PRO C 97 11.26 7.33 37.90
CA PRO C 97 11.19 6.36 36.79
C PRO C 97 10.19 6.68 35.69
N VAL C 98 10.65 6.59 34.44
CA VAL C 98 9.82 6.86 33.26
C VAL C 98 10.16 5.91 32.10
N ALA C 99 9.46 6.07 30.99
CA ALA C 99 9.64 5.24 29.81
C ALA C 99 9.83 6.15 28.60
N TRP C 100 11.06 6.20 28.09
CA TRP C 100 11.39 7.01 26.94
C TRP C 100 11.05 6.29 25.64
N CYS C 101 10.40 6.98 24.69
CA CYS C 101 10.08 6.39 23.39
C CYS C 101 11.00 6.95 22.30
N PRO C 102 11.98 6.15 21.85
CA PRO C 102 12.87 6.64 20.79
C PRO C 102 12.37 6.39 19.38
N TYR C 103 11.63 5.30 19.19
CA TYR C 103 11.23 4.86 17.86
C TYR C 103 9.83 4.30 17.89
N ILE C 104 9.08 4.58 16.83
CA ILE C 104 7.69 4.17 16.71
C ILE C 104 7.25 4.27 15.25
N TYR C 105 6.44 3.30 14.83
CA TYR C 105 6.04 3.14 13.43
C TYR C 105 4.55 2.89 13.38
N VAL C 106 3.85 3.54 12.46
N VAL C 106 3.89 3.43 12.37
CA VAL C 106 2.41 3.34 12.27
CA VAL C 106 2.44 3.34 12.26
C VAL C 106 2.10 3.21 10.80
C VAL C 106 2.02 3.34 10.80
N ASP C 107 0.94 2.64 10.47
CA ASP C 107 0.55 2.46 9.07
C ASP C 107 -0.49 3.47 8.57
N ASN C 108 -0.53 4.65 9.21
CA ASN C 108 -1.55 5.65 8.93
C ASN C 108 -1.04 7.07 9.13
N ASP C 109 -1.25 7.95 8.14
CA ASP C 109 -0.70 9.31 8.21
C ASP C 109 -1.33 10.20 9.28
N ALA C 110 -2.63 10.08 9.50
CA ALA C 110 -3.27 10.84 10.57
C ALA C 110 -2.71 10.46 11.94
N ALA C 111 -2.49 9.17 12.16
CA ALA C 111 -1.86 8.73 13.40
C ALA C 111 -0.44 9.29 13.50
N MET C 112 0.26 9.39 12.37
N MET C 112 0.27 9.37 12.38
CA MET C 112 1.61 9.93 12.37
CA MET C 112 1.60 9.97 12.36
C MET C 112 1.61 11.41 12.77
C MET C 112 1.54 11.39 12.87
N ALA C 113 0.67 12.18 12.23
CA ALA C 113 0.54 13.60 12.55
C ALA C 113 0.13 13.82 14.01
N ARG C 114 -0.89 13.12 14.48
CA ARG C 114 -1.28 13.21 15.88
C ARG C 114 -0.07 12.82 16.76
N GLY C 115 0.70 11.83 16.33
CA GLY C 115 1.90 11.41 17.02
C GLY C 115 2.89 12.54 17.17
N TRP C 116 3.24 13.20 16.07
N TRP C 116 3.20 13.19 16.05
CA TRP C 116 4.21 14.29 16.15
CA TRP C 116 4.16 14.29 16.04
C TRP C 116 3.75 15.37 17.12
C TRP C 116 3.75 15.39 17.03
N VAL C 117 2.46 15.70 17.09
CA VAL C 117 1.95 16.70 18.01
C VAL C 117 2.16 16.29 19.47
N GLN C 118 2.07 14.99 19.74
CA GLN C 118 2.31 14.45 21.08
C GLN C 118 3.79 14.27 21.39
N GLY C 119 4.65 14.38 20.38
CA GLY C 119 6.06 14.15 20.56
C GLY C 119 6.49 12.71 20.30
N PHE C 120 5.57 11.85 19.88
CA PHE C 120 5.94 10.50 19.44
C PHE C 120 6.59 10.62 18.08
N PRO C 121 7.81 10.07 17.91
CA PRO C 121 8.56 10.28 16.67
C PRO C 121 8.17 9.29 15.58
N LYS C 122 6.92 9.36 15.19
CA LYS C 122 6.34 8.35 14.31
C LYS C 122 6.82 8.43 12.87
N LYS C 123 7.07 7.27 12.30
CA LYS C 123 7.32 7.10 10.87
C LYS C 123 6.34 6.06 10.35
N LEU C 124 6.16 6.00 9.04
CA LEU C 124 5.30 4.96 8.47
C LEU C 124 5.97 3.61 8.50
N GLY C 125 5.17 2.58 8.79
CA GLY C 125 5.62 1.21 8.72
C GLY C 125 4.43 0.30 8.50
N ALA C 126 4.71 -1.00 8.34
CA ALA C 126 3.68 -2.02 8.22
C ALA C 126 3.80 -2.89 9.46
N VAL C 127 2.70 -2.98 10.21
CA VAL C 127 2.68 -3.64 11.50
C VAL C 127 1.52 -4.62 11.53
N HIS C 128 1.77 -5.82 12.08
CA HIS C 128 0.77 -6.87 12.15
C HIS C 128 0.90 -7.65 13.45
N GLN C 129 -0.23 -8.10 13.97
CA GLN C 129 -0.27 -9.01 15.11
C GLN C 129 -1.37 -10.05 14.91
N THR C 130 -1.11 -11.27 15.35
CA THR C 130 -2.12 -12.32 15.42
C THR C 130 -3.31 -11.83 16.22
N ARG C 131 -4.52 -12.18 15.75
CA ARG C 131 -5.77 -11.80 16.40
C ARG C 131 -6.45 -13.03 16.98
N ALA C 132 -7.07 -12.88 18.15
CA ALA C 132 -7.90 -13.94 18.72
C ALA C 132 -9.36 -13.67 18.41
N TYR C 133 -10.03 -14.68 17.86
CA TYR C 133 -11.45 -14.57 17.53
C TYR C 133 -12.27 -15.42 18.48
N SER C 134 -13.35 -14.87 19.00
CA SER C 134 -14.18 -15.55 19.99
C SER C 134 -14.76 -16.88 19.48
N VAL C 135 -15.06 -16.96 18.18
CA VAL C 135 -15.65 -18.15 17.60
C VAL C 135 -14.73 -19.38 17.75
N GLY C 136 -13.43 -19.15 17.85
CA GLY C 136 -12.50 -20.24 18.05
C GLY C 136 -12.26 -21.03 16.79
N GLY C 137 -11.62 -22.19 16.93
CA GLY C 137 -11.30 -23.03 15.80
C GLY C 137 -9.83 -22.90 15.39
N PRO C 138 -9.41 -23.70 14.42
CA PRO C 138 -8.00 -23.79 14.01
C PRO C 138 -7.45 -22.52 13.32
N GLY C 139 -8.30 -21.57 13.00
CA GLY C 139 -7.86 -20.31 12.41
C GLY C 139 -7.44 -19.25 13.41
N THR C 140 -7.47 -19.58 14.70
CA THR C 140 -7.21 -18.58 15.73
C THR C 140 -6.63 -19.20 17.03
N PRO C 141 -5.76 -18.45 17.72
CA PRO C 141 -5.41 -18.87 19.08
C PRO C 141 -6.56 -18.58 20.04
N VAL C 142 -6.47 -19.10 21.26
CA VAL C 142 -7.43 -18.83 22.30
C VAL C 142 -6.72 -18.06 23.40
N LEU C 143 -7.21 -16.87 23.69
CA LEU C 143 -6.70 -16.09 24.82
C LEU C 143 -6.78 -16.96 26.07
N GLY C 144 -5.66 -17.08 26.78
CA GLY C 144 -5.53 -17.99 27.90
C GLY C 144 -4.26 -18.81 27.80
N PRO C 145 -4.06 -19.76 28.72
CA PRO C 145 -2.83 -20.55 28.74
C PRO C 145 -2.56 -21.27 27.41
N GLY C 146 -1.32 -21.16 26.93
CA GLY C 146 -0.92 -21.79 25.69
C GLY C 146 -1.23 -20.99 24.43
N GLY C 147 -1.97 -19.90 24.56
CA GLY C 147 -2.31 -19.07 23.42
C GLY C 147 -1.08 -18.40 22.83
N GLN C 148 -0.85 -18.59 21.54
CA GLN C 148 0.33 -18.07 20.86
C GLN C 148 -0.04 -16.93 19.90
N PHE C 149 0.78 -15.88 19.93
CA PHE C 149 0.56 -14.70 19.11
C PHE C 149 1.88 -14.25 18.50
N GLY C 150 1.87 -14.04 17.18
CA GLY C 150 3.01 -13.48 16.48
C GLY C 150 2.80 -12.01 16.16
N ALA C 151 3.90 -11.28 15.98
CA ALA C 151 3.80 -9.89 15.53
C ALA C 151 5.04 -9.48 14.77
N THR C 152 4.87 -8.58 13.82
CA THR C 152 5.99 -8.11 13.00
C THR C 152 5.84 -6.63 12.70
N ALA C 153 6.96 -6.01 12.38
CA ALA C 153 6.97 -4.63 11.89
C ALA C 153 8.01 -4.49 10.80
N SER C 154 7.64 -3.74 9.75
CA SER C 154 8.55 -3.39 8.67
C SER C 154 8.52 -1.88 8.43
N SER C 155 9.57 -1.35 7.82
CA SER C 155 9.57 0.04 7.39
C SER C 155 10.34 0.11 6.08
N ALA C 156 9.82 0.86 5.12
CA ALA C 156 10.44 1.00 3.80
C ALA C 156 10.73 -0.37 3.17
N GLY C 157 9.83 -1.31 3.39
CA GLY C 157 9.97 -2.64 2.81
C GLY C 157 11.00 -3.54 3.47
N GLN C 158 11.46 -3.15 4.65
CA GLN C 158 12.44 -3.94 5.39
C GLN C 158 11.86 -4.36 6.73
N ARG C 159 12.00 -5.64 7.07
CA ARG C 159 11.52 -6.15 8.34
C ARG C 159 12.46 -5.65 9.45
N ILE C 160 11.90 -5.06 10.50
CA ILE C 160 12.72 -4.50 11.57
C ILE C 160 12.46 -5.13 12.93
N ALA C 161 11.32 -5.79 13.10
CA ALA C 161 11.05 -6.52 14.34
C ALA C 161 10.18 -7.74 14.10
N GLU C 162 10.51 -8.82 14.80
CA GLU C 162 9.70 -10.05 14.79
C GLU C 162 9.56 -10.55 16.23
N ALA C 163 8.34 -10.88 16.61
CA ALA C 163 8.07 -11.30 17.98
C ALA C 163 7.07 -12.46 18.01
N LYS C 164 7.14 -13.24 19.08
CA LYS C 164 6.14 -14.25 19.35
C LYS C 164 5.99 -14.36 20.85
N ILE C 165 4.75 -14.46 21.34
CA ILE C 165 4.50 -14.71 22.75
C ILE C 165 3.63 -15.95 22.93
N THR C 166 3.77 -16.58 24.09
CA THR C 166 2.92 -17.70 24.50
C THR C 166 2.36 -17.36 25.88
N LEU C 167 1.06 -17.19 25.97
CA LEU C 167 0.44 -16.79 27.23
C LEU C 167 0.43 -17.92 28.25
N GLU C 168 0.58 -17.55 29.51
N GLU C 168 0.53 -17.57 29.53
CA GLU C 168 0.64 -18.50 30.61
CA GLU C 168 0.54 -18.57 30.58
C GLU C 168 -0.33 -18.16 31.73
C GLU C 168 -0.22 -18.18 31.84
N GLN C 169 -0.39 -16.88 32.08
CA GLN C 169 -0.96 -16.44 33.36
C GLN C 169 -1.73 -15.12 33.26
N PRO C 170 -2.92 -15.05 33.88
CA PRO C 170 -3.63 -13.77 33.86
C PRO C 170 -3.01 -12.74 34.81
N VAL C 171 -3.32 -11.48 34.61
CA VAL C 171 -2.89 -10.40 35.51
C VAL C 171 -4.10 -9.66 36.04
N ARG C 180 4.93 3.18 34.37
CA ARG C 180 5.91 4.17 33.93
C ARG C 180 5.30 5.13 32.91
N PRO C 181 5.25 6.43 33.24
CA PRO C 181 4.77 7.40 32.25
C PRO C 181 5.71 7.47 31.07
N VAL C 182 5.14 7.69 29.89
CA VAL C 182 5.94 7.84 28.68
C VAL C 182 6.42 9.28 28.52
N ILE C 183 7.70 9.42 28.19
CA ILE C 183 8.32 10.70 27.92
C ILE C 183 8.62 10.76 26.43
N ASN C 184 8.31 11.90 25.85
CA ASN C 184 8.52 12.13 24.42
C ASN C 184 9.19 13.48 24.19
N LEU C 185 9.52 13.75 22.93
CA LEU C 185 10.14 15.00 22.54
C LEU C 185 9.39 15.60 21.37
N ARG C 186 8.64 16.67 21.62
CA ARG C 186 8.08 17.48 20.53
C ARG C 186 9.21 18.19 19.84
N HIS C 187 9.28 18.04 18.53
CA HIS C 187 10.40 18.56 17.77
C HIS C 187 9.98 18.92 16.35
N PHE C 188 10.20 20.17 15.97
CA PHE C 188 9.85 20.64 14.64
C PHE C 188 10.95 21.59 14.17
N PRO C 189 11.65 21.22 13.08
CA PRO C 189 12.82 22.01 12.70
C PRO C 189 12.51 23.26 11.90
N ARG C 190 13.53 24.10 11.74
CA ARG C 190 13.47 25.27 10.87
C ARG C 190 14.23 24.98 9.59
N LEU C 191 13.76 25.59 8.50
CA LEU C 191 14.38 25.47 7.18
C LEU C 191 15.09 26.75 6.75
N ALA C 192 14.81 27.87 7.42
CA ALA C 192 15.49 29.12 7.08
C ALA C 192 17.00 28.94 7.16
N ALA C 193 17.71 29.45 6.16
CA ALA C 193 19.15 29.29 6.08
C ALA C 193 19.82 29.82 7.35
N GLY C 194 20.77 29.04 7.86
CA GLY C 194 21.46 29.38 9.08
C GLY C 194 20.79 28.82 10.33
N GLN C 195 19.56 28.33 10.18
CA GLN C 195 18.76 27.89 11.32
C GLN C 195 18.47 26.38 11.33
N HIS C 196 19.20 25.60 10.54
CA HIS C 196 18.86 24.18 10.43
C HIS C 196 19.18 23.38 11.70
N ASP C 197 20.01 23.97 12.56
CA ASP C 197 20.34 23.38 13.85
C ASP C 197 19.60 24.07 15.00
N GLN C 198 18.59 24.85 14.66
CA GLN C 198 17.84 25.63 15.65
C GLN C 198 16.35 25.37 15.50
N PRO C 199 15.88 24.23 16.01
CA PRO C 199 14.47 23.88 15.80
C PRO C 199 13.49 24.88 16.41
N ALA C 200 12.35 25.04 15.75
CA ALA C 200 11.32 25.96 16.21
C ALA C 200 10.63 25.41 17.45
N VAL C 201 10.44 24.10 17.49
CA VAL C 201 9.89 23.41 18.64
C VAL C 201 10.90 22.34 19.04
N HIS C 202 11.20 22.29 20.33
CA HIS C 202 12.10 21.28 20.86
C HIS C 202 11.89 21.23 22.36
N GLU C 203 11.04 20.32 22.80
CA GLU C 203 10.66 20.29 24.21
C GLU C 203 10.28 18.89 24.66
N LEU C 204 10.81 18.53 25.81
CA LEU C 204 10.52 17.25 26.43
C LEU C 204 9.12 17.32 27.02
N VAL C 205 8.34 16.26 26.83
CA VAL C 205 6.97 16.22 27.29
C VAL C 205 6.66 14.87 27.94
N MET C 206 5.68 14.87 28.84
CA MET C 206 5.15 13.64 29.38
C MET C 206 3.75 13.42 28.83
N SER C 207 3.52 12.21 28.35
CA SER C 207 2.21 11.81 27.87
C SER C 207 1.20 11.85 29.03
N VAL C 208 0.03 12.45 28.76
CA VAL C 208 -1.06 12.53 29.72
C VAL C 208 -2.24 11.79 29.12
N LEU C 209 -2.72 10.78 29.84
CA LEU C 209 -3.80 9.93 29.36
C LEU C 209 -5.00 10.04 30.29
N ASP C 210 -6.19 10.21 29.71
CA ASP C 210 -7.41 10.34 30.48
C ASP C 210 -8.18 9.01 30.47
N ASP C 211 -8.74 8.65 31.62
CA ASP C 211 -9.67 7.52 31.70
C ASP C 211 -9.08 6.21 31.22
N THR C 212 -7.82 5.98 31.55
CA THR C 212 -7.13 4.79 31.08
C THR C 212 -7.82 3.53 31.60
N ALA C 213 -7.95 2.54 30.73
CA ALA C 213 -8.52 1.25 31.08
C ALA C 213 -7.70 0.15 30.43
N VAL C 214 -7.48 -0.91 31.19
CA VAL C 214 -6.81 -2.11 30.68
C VAL C 214 -7.71 -3.29 31.01
N SER C 215 -7.84 -4.21 30.07
CA SER C 215 -8.68 -5.38 30.29
C SER C 215 -8.11 -6.65 29.68
N ASP C 216 -8.51 -7.79 30.27
CA ASP C 216 -8.20 -9.11 29.77
C ASP C 216 -6.70 -9.34 29.63
N ALA C 217 -5.94 -8.93 30.65
CA ALA C 217 -4.49 -8.93 30.56
C ALA C 217 -3.90 -10.31 30.89
N TRP C 218 -2.95 -10.73 30.06
CA TRP C 218 -2.25 -11.99 30.22
C TRP C 218 -0.76 -11.78 30.05
N VAL C 219 0.02 -12.58 30.75
CA VAL C 219 1.47 -12.59 30.59
C VAL C 219 1.94 -13.99 30.28
N GLY C 220 3.12 -14.09 29.68
CA GLY C 220 3.69 -15.38 29.35
C GLY C 220 5.14 -15.26 28.91
N THR C 221 5.58 -16.19 28.08
CA THR C 221 6.93 -16.15 27.55
C THR C 221 6.98 -15.39 26.23
N ALA C 222 8.18 -15.07 25.79
CA ALA C 222 8.34 -14.24 24.61
C ALA C 222 9.67 -14.45 23.88
N ASP C 223 9.62 -14.28 22.56
CA ASP C 223 10.81 -14.15 21.73
C ASP C 223 10.70 -12.84 20.98
N LEU C 224 11.83 -12.17 20.79
CA LEU C 224 11.85 -10.89 20.10
C LEU C 224 13.22 -10.67 19.46
N ALA C 225 13.23 -10.18 18.23
CA ALA C 225 14.46 -9.73 17.61
C ALA C 225 14.22 -8.45 16.82
N PHE C 226 15.20 -7.54 16.86
CA PHE C 226 15.22 -6.39 15.98
C PHE C 226 16.23 -6.70 14.88
N LEU C 227 15.85 -6.42 13.63
N LEU C 227 15.84 -6.41 13.64
CA LEU C 227 16.68 -6.75 12.48
CA LEU C 227 16.67 -6.68 12.48
C LEU C 227 17.29 -5.49 11.87
C LEU C 227 17.33 -5.41 11.98
N PRO C 228 18.61 -5.49 11.61
CA PRO C 228 19.24 -4.34 10.96
C PRO C 228 18.54 -3.99 9.64
N ALA C 229 18.40 -2.70 9.38
CA ALA C 229 17.73 -2.21 8.19
C ALA C 229 18.39 -0.93 7.78
N HIS C 230 18.52 -0.70 6.48
CA HIS C 230 19.04 0.56 5.99
C HIS C 230 18.11 1.69 6.46
N GLY C 231 18.70 2.77 6.97
CA GLY C 231 17.92 3.93 7.33
C GLY C 231 17.20 3.82 8.66
N GLU C 232 17.50 2.78 9.43
CA GLU C 232 16.93 2.60 10.76
C GLU C 232 18.01 2.34 11.80
N GLU C 233 17.70 2.62 13.06
CA GLU C 233 18.63 2.42 14.16
C GLU C 233 18.06 1.55 15.29
N LEU C 234 16.86 1.02 15.08
CA LEU C 234 16.23 0.17 16.09
C LEU C 234 17.12 -1.01 16.51
N ALA C 235 17.71 -1.69 15.53
CA ALA C 235 18.51 -2.87 15.80
C ALA C 235 19.84 -2.55 16.50
N ASP C 236 20.17 -1.27 16.63
CA ASP C 236 21.30 -0.84 17.46
C ASP C 236 20.97 -0.86 18.96
N LEU C 237 19.76 -1.30 19.27
CA LEU C 237 19.36 -1.67 20.63
C LEU C 237 19.12 -3.18 20.62
N PRO C 238 20.20 -3.97 20.47
CA PRO C 238 20.00 -5.41 20.28
C PRO C 238 19.32 -6.06 21.47
N VAL C 239 18.41 -6.98 21.17
CA VAL C 239 17.78 -7.75 22.23
C VAL C 239 18.77 -8.80 22.72
N ARG C 240 19.27 -8.61 23.94
CA ARG C 240 20.21 -9.55 24.53
C ARG C 240 19.48 -10.69 25.22
N ARG C 241 18.29 -10.39 25.73
CA ARG C 241 17.42 -11.40 26.33
C ARG C 241 16.02 -10.81 26.41
N THR C 242 15.02 -11.69 26.47
CA THR C 242 13.64 -11.25 26.64
C THR C 242 13.15 -11.60 28.02
N GLY C 243 12.24 -10.77 28.52
CA GLY C 243 11.49 -11.06 29.72
C GLY C 243 10.10 -11.50 29.32
N LYS C 244 9.09 -10.93 29.98
CA LYS C 244 7.72 -11.38 29.80
C LYS C 244 7.11 -10.96 28.47
N GLY C 245 6.30 -11.83 27.89
CA GLY C 245 5.39 -11.46 26.84
C GLY C 245 4.06 -11.09 27.47
N PHE C 246 3.29 -10.23 26.82
CA PHE C 246 2.00 -9.87 27.39
C PHE C 246 0.98 -9.50 26.32
N HIS C 247 -0.29 -9.56 26.71
CA HIS C 247 -1.39 -9.34 25.81
C HIS C 247 -2.50 -8.68 26.60
N PHE C 248 -3.03 -7.57 26.11
CA PHE C 248 -4.14 -6.90 26.79
C PHE C 248 -4.86 -5.92 25.89
N ASP C 249 -6.10 -5.59 26.24
CA ASP C 249 -6.81 -4.48 25.63
C ASP C 249 -6.52 -3.20 26.41
N LEU C 250 -6.52 -2.07 25.69
CA LEU C 250 -6.15 -0.79 26.26
C LEU C 250 -7.06 0.29 25.69
N ALA C 251 -7.53 1.19 26.55
CA ALA C 251 -8.31 2.35 26.10
C ALA C 251 -7.91 3.59 26.90
N TYR C 252 -7.95 4.73 26.23
CA TYR C 252 -7.78 6.01 26.90
C TYR C 252 -8.16 7.15 25.97
N THR C 253 -8.16 8.36 26.53
CA THR C 253 -8.47 9.56 25.77
C THR C 253 -7.31 10.56 25.95
N VAL C 254 -7.01 11.32 24.90
CA VAL C 254 -5.98 12.36 24.95
C VAL C 254 -6.61 13.74 24.76
N THR C 255 -6.35 14.63 25.73
CA THR C 255 -6.83 16.01 25.68
C THR C 255 -5.75 17.02 26.08
N ASP C 256 -4.59 16.52 26.49
CA ASP C 256 -3.59 17.34 27.16
C ASP C 256 -2.21 16.74 26.91
N LEU C 257 -1.18 17.48 27.31
CA LEU C 257 0.20 17.04 27.18
C LEU C 257 1.01 17.90 28.13
N MET C 258 1.85 17.29 28.96
CA MET C 258 2.60 18.04 29.95
C MET C 258 4.00 18.38 29.47
N THR C 259 4.25 19.68 29.28
CA THR C 259 5.59 20.15 28.93
C THR C 259 6.49 20.10 30.16
N LEU C 260 7.64 19.45 30.02
CA LEU C 260 8.62 19.34 31.10
C LEU C 260 9.72 20.37 30.90
N MET D 1 -21.23 -15.52 -19.75
CA MET D 1 -21.24 -14.03 -19.73
C MET D 1 -19.87 -13.53 -20.17
N LYS D 2 -19.63 -12.23 -20.09
CA LYS D 2 -18.49 -11.64 -20.79
C LYS D 2 -17.27 -11.50 -19.93
N GLY D 3 -16.11 -11.46 -20.60
CA GLY D 3 -14.84 -11.22 -19.95
C GLY D 3 -13.83 -12.29 -20.29
N TYR D 4 -12.57 -11.99 -20.01
CA TYR D 4 -11.47 -12.90 -20.31
C TYR D 4 -11.01 -13.63 -19.06
N THR D 5 -10.61 -12.89 -18.03
CA THR D 5 -10.38 -13.45 -16.70
C THR D 5 -11.59 -13.18 -15.83
N VAL D 6 -11.63 -13.79 -14.65
CA VAL D 6 -12.64 -13.45 -13.66
C VAL D 6 -12.42 -12.01 -13.16
N PRO D 7 -13.47 -11.37 -12.63
CA PRO D 7 -14.86 -11.83 -12.70
C PRO D 7 -15.46 -11.65 -14.08
N LEU D 8 -16.18 -12.66 -14.54
CA LEU D 8 -16.98 -12.49 -15.75
C LEU D 8 -18.19 -11.65 -15.35
N SER D 9 -18.77 -10.94 -16.30
CA SER D 9 -19.74 -9.92 -15.96
C SER D 9 -20.60 -9.58 -17.17
N PRO D 10 -21.71 -8.85 -16.94
CA PRO D 10 -22.57 -8.47 -18.06
C PRO D 10 -21.89 -7.64 -19.15
N ARG D 11 -20.96 -6.77 -18.79
CA ARG D 11 -20.33 -5.88 -19.78
C ARG D 11 -18.87 -6.23 -20.10
N GLY D 12 -18.30 -7.18 -19.39
CA GLY D 12 -16.92 -7.58 -19.66
C GLY D 12 -15.89 -6.53 -19.27
N ILE D 13 -16.26 -5.67 -18.31
CA ILE D 13 -15.40 -4.59 -17.84
C ILE D 13 -14.75 -4.95 -16.50
N ALA D 14 -15.50 -5.62 -15.64
CA ALA D 14 -15.02 -5.94 -14.30
C ALA D 14 -13.86 -6.95 -14.29
N ASN D 15 -13.67 -7.70 -15.37
CA ASN D 15 -12.58 -8.69 -15.40
C ASN D 15 -11.23 -8.07 -15.05
N LEU D 16 -10.43 -8.83 -14.31
CA LEU D 16 -9.15 -8.32 -13.85
C LEU D 16 -8.29 -7.97 -15.05
N ALA D 17 -8.37 -8.79 -16.09
CA ALA D 17 -7.68 -8.50 -17.36
C ALA D 17 -8.55 -8.89 -18.55
N PRO D 18 -8.70 -8.01 -19.54
CA PRO D 18 -9.39 -8.34 -20.78
C PRO D 18 -8.50 -9.18 -21.67
N ALA D 19 -9.04 -9.69 -22.77
CA ALA D 19 -8.27 -10.52 -23.67
C ALA D 19 -7.15 -9.70 -24.33
N PRO D 20 -6.12 -10.39 -24.83
CA PRO D 20 -5.11 -9.71 -25.64
C PRO D 20 -5.75 -9.03 -26.85
N PRO D 21 -5.01 -8.12 -27.52
CA PRO D 21 -3.58 -7.87 -27.32
C PRO D 21 -3.23 -7.10 -26.04
N TRP D 22 -2.09 -7.48 -25.45
CA TRP D 22 -1.53 -6.76 -24.31
C TRP D 22 -0.25 -6.11 -24.77
N HIS D 23 -0.14 -4.79 -24.60
CA HIS D 23 1.04 -4.04 -25.02
C HIS D 23 1.83 -3.58 -23.82
N TYR D 24 3.16 -3.55 -23.96
CA TYR D 24 4.05 -3.23 -22.85
C TYR D 24 5.15 -2.28 -23.29
N ALA D 25 5.44 -1.31 -22.42
CA ALA D 25 6.60 -0.44 -22.55
C ALA D 25 7.22 -0.35 -21.17
N GLY D 26 8.52 -0.58 -21.08
CA GLY D 26 9.17 -0.65 -19.79
C GLY D 26 10.61 -0.21 -19.81
N THR D 27 11.12 0.08 -18.62
CA THR D 27 12.52 0.42 -18.42
C THR D 27 13.10 -0.58 -17.45
N VAL D 28 14.19 -1.21 -17.85
CA VAL D 28 14.78 -2.34 -17.16
C VAL D 28 16.14 -2.00 -16.55
N VAL D 29 16.29 -2.33 -15.28
CA VAL D 29 17.60 -2.43 -14.64
C VAL D 29 17.88 -3.93 -14.51
N GLY D 30 18.92 -4.39 -15.17
CA GLY D 30 19.26 -5.81 -15.22
C GLY D 30 20.63 -6.13 -14.64
N VAL D 31 20.74 -7.30 -14.00
CA VAL D 31 22.00 -7.76 -13.46
C VAL D 31 22.19 -9.25 -13.77
N GLU D 32 23.26 -9.54 -14.48
CA GLU D 32 23.68 -10.91 -14.71
C GLU D 32 24.33 -11.43 -13.43
N PHE D 33 23.99 -12.64 -13.02
CA PHE D 33 24.57 -13.21 -11.81
C PHE D 33 24.87 -14.69 -11.98
N PHE D 34 25.65 -15.22 -11.05
CA PHE D 34 26.07 -16.62 -11.07
C PHE D 34 25.84 -17.24 -9.72
N THR D 35 25.07 -18.32 -9.69
CA THR D 35 24.77 -19.06 -8.48
C THR D 35 25.31 -20.48 -8.62
N ASP D 36 25.07 -21.31 -7.63
CA ASP D 36 25.49 -22.71 -7.70
C ASP D 36 24.69 -23.42 -8.79
N PRO D 37 25.38 -24.10 -9.73
CA PRO D 37 24.67 -24.86 -10.77
C PRO D 37 23.60 -25.79 -10.20
N ALA D 38 23.92 -26.49 -9.12
CA ALA D 38 22.96 -27.42 -8.51
C ALA D 38 21.74 -26.70 -7.93
N ALA D 39 21.93 -25.50 -7.42
CA ALA D 39 20.82 -24.76 -6.85
C ALA D 39 19.88 -24.30 -7.96
N ALA D 40 20.45 -23.84 -9.08
CA ALA D 40 19.67 -23.51 -10.26
C ALA D 40 18.93 -24.74 -10.80
N ALA D 41 19.65 -25.86 -10.90
CA ALA D 41 19.07 -27.09 -11.41
C ALA D 41 17.89 -27.56 -10.57
N ALA D 42 17.93 -27.30 -9.27
CA ALA D 42 16.87 -27.74 -8.37
C ALA D 42 15.53 -27.07 -8.68
N THR D 43 15.57 -25.91 -9.32
CA THR D 43 14.33 -25.17 -9.64
C THR D 43 13.71 -25.58 -10.96
N LEU D 44 14.42 -26.40 -11.75
CA LEU D 44 13.99 -26.66 -13.11
C LEU D 44 12.81 -27.65 -13.17
N PRO D 45 11.82 -27.37 -14.03
CA PRO D 45 10.71 -28.32 -14.20
C PRO D 45 11.13 -29.50 -15.06
N GLU D 46 10.35 -30.57 -15.01
CA GLU D 46 10.52 -31.68 -15.95
C GLU D 46 10.39 -31.13 -17.37
N GLY D 47 11.37 -31.45 -18.21
CA GLY D 47 11.40 -30.98 -19.58
C GLY D 47 12.56 -30.05 -19.83
N LEU D 48 13.09 -29.45 -18.76
CA LEU D 48 14.28 -28.60 -18.85
C LEU D 48 15.46 -29.29 -18.21
N THR D 49 16.63 -29.10 -18.82
CA THR D 49 17.87 -29.69 -18.34
C THR D 49 18.86 -28.57 -18.07
N PRO D 50 19.92 -28.85 -17.28
CA PRO D 50 20.92 -27.82 -17.03
C PRO D 50 21.58 -27.34 -18.33
N ASP D 51 21.96 -26.08 -18.39
CA ASP D 51 22.67 -25.54 -19.55
C ASP D 51 24.09 -26.11 -19.53
N PRO D 52 24.50 -26.77 -20.61
CA PRO D 52 25.82 -27.43 -20.59
C PRO D 52 27.00 -26.47 -20.57
N ASP D 53 26.75 -25.17 -20.80
CA ASP D 53 27.82 -24.18 -20.88
C ASP D 53 27.79 -23.17 -19.74
N SER D 54 26.58 -22.75 -19.35
CA SER D 54 26.43 -21.67 -18.39
C SER D 54 25.49 -22.01 -17.24
N ALA D 55 25.45 -23.29 -16.85
CA ALA D 55 24.65 -23.69 -15.68
C ALA D 55 25.03 -22.82 -14.49
N GLY D 56 24.01 -22.29 -13.81
CA GLY D 56 24.24 -21.40 -12.69
C GLY D 56 24.12 -19.92 -13.03
N ARG D 57 24.20 -19.59 -14.32
CA ARG D 57 24.03 -18.20 -14.74
C ARG D 57 22.54 -17.84 -14.72
N GLY D 58 22.25 -16.62 -14.30
CA GLY D 58 20.90 -16.10 -14.36
C GLY D 58 20.93 -14.60 -14.58
N VAL D 59 19.75 -14.02 -14.72
CA VAL D 59 19.61 -12.59 -14.87
C VAL D 59 18.50 -12.14 -13.96
N ALA D 60 18.80 -11.12 -13.15
CA ALA D 60 17.80 -10.46 -12.32
C ALA D 60 17.37 -9.19 -13.03
N MET D 61 16.06 -8.95 -13.12
CA MET D 61 15.55 -7.74 -13.75
C MET D 61 14.55 -7.02 -12.86
N PHE D 62 14.71 -5.70 -12.81
CA PHE D 62 13.77 -4.80 -12.11
C PHE D 62 13.20 -3.91 -13.20
N ILE D 63 11.89 -3.91 -13.37
CA ILE D 63 11.28 -3.25 -14.51
C ILE D 63 10.16 -2.30 -14.08
N ASP D 64 10.15 -1.10 -14.64
CA ASP D 64 9.04 -0.16 -14.51
C ASP D 64 8.19 -0.29 -15.77
N TRP D 65 7.07 -0.99 -15.67
CA TRP D 65 6.21 -1.28 -16.82
C TRP D 65 5.01 -0.34 -16.94
N GLN D 66 4.59 -0.14 -18.17
CA GLN D 66 3.30 0.44 -18.49
C GLN D 66 2.62 -0.48 -19.49
N TYR D 67 1.37 -0.83 -19.19
CA TYR D 67 0.57 -1.71 -20.01
C TYR D 67 -0.52 -0.93 -20.75
N SER D 68 -0.91 -1.44 -21.91
CA SER D 68 -2.10 -0.94 -22.57
C SER D 68 -2.68 -2.06 -23.43
N SER D 69 -3.91 -1.88 -23.87
CA SER D 69 -4.53 -2.82 -24.80
C SER D 69 -5.05 -2.00 -25.98
N THR D 70 -6.29 -2.25 -26.39
CA THR D 70 -6.79 -1.64 -27.62
C THR D 70 -7.46 -0.28 -27.43
N GLY D 71 -7.47 0.24 -26.19
CA GLY D 71 -8.23 1.44 -25.89
C GLY D 71 -7.50 2.49 -25.08
N LEU D 72 -6.19 2.63 -25.29
CA LEU D 72 -5.40 3.64 -24.59
C LEU D 72 -5.51 3.49 -23.07
N GLU D 73 -5.49 2.25 -22.60
CA GLU D 73 -5.52 1.97 -21.18
C GLU D 73 -4.33 2.58 -20.45
N TYR D 74 -3.26 2.94 -21.15
CA TYR D 74 -2.16 3.63 -20.49
C TYR D 74 -2.55 4.99 -19.95
N LEU D 75 -3.73 5.46 -20.33
CA LEU D 75 -4.27 6.71 -19.77
C LEU D 75 -4.86 6.55 -18.38
N ASP D 76 -4.88 5.31 -17.88
CA ASP D 76 -5.34 4.99 -16.52
C ASP D 76 -4.20 4.35 -15.74
N PRO D 77 -3.18 5.14 -15.39
CA PRO D 77 -1.99 4.57 -14.75
C PRO D 77 -2.23 3.91 -13.40
N ALA D 78 -3.30 4.26 -12.69
CA ALA D 78 -3.65 3.61 -11.44
C ALA D 78 -3.90 2.11 -11.64
N ARG D 79 -4.23 1.71 -12.88
CA ARG D 79 -4.39 0.30 -13.22
C ARG D 79 -3.26 -0.22 -14.11
N SER D 80 -2.74 0.63 -14.99
CA SER D 80 -1.89 0.16 -16.07
C SER D 80 -0.39 0.20 -15.78
N GLN D 81 0.01 0.93 -14.75
CA GLN D 81 1.42 1.00 -14.39
C GLN D 81 1.76 0.09 -13.25
N TYR D 82 2.91 -0.57 -13.36
CA TYR D 82 3.35 -1.46 -12.30
C TYR D 82 4.84 -1.68 -12.37
N ARG D 83 5.38 -2.21 -11.29
CA ARG D 83 6.81 -2.46 -11.17
C ARG D 83 7.00 -3.94 -10.87
N GLU D 84 8.06 -4.52 -11.42
CA GLU D 84 8.22 -5.96 -11.46
C GLU D 84 9.66 -6.36 -11.22
N PHE D 85 9.86 -7.43 -10.46
CA PHE D 85 11.17 -8.02 -10.25
C PHE D 85 11.12 -9.50 -10.59
N LEU D 86 12.05 -9.95 -11.42
CA LEU D 86 12.10 -11.37 -11.74
C LEU D 86 13.52 -11.83 -11.88
N ILE D 87 13.69 -13.15 -11.82
CA ILE D 87 14.93 -13.75 -12.23
C ILE D 87 14.66 -14.81 -13.29
N THR D 88 15.63 -14.96 -14.17
CA THR D 88 15.64 -16.10 -15.08
C THR D 88 16.93 -16.85 -14.86
N LEU D 89 16.91 -18.14 -15.20
CA LEU D 89 18.07 -18.99 -15.04
C LEU D 89 18.34 -19.69 -16.35
N ASP D 90 19.59 -19.69 -16.77
CA ASP D 90 19.97 -20.40 -17.99
C ASP D 90 19.66 -21.89 -17.85
N ALA D 91 19.10 -22.46 -18.91
CA ALA D 91 18.81 -23.88 -18.97
C ALA D 91 18.77 -24.31 -20.44
N HIS D 92 18.58 -25.60 -20.68
CA HIS D 92 18.35 -26.10 -22.02
C HIS D 92 16.98 -26.75 -22.12
N CYS D 93 16.38 -26.64 -23.31
CA CYS D 93 15.20 -27.40 -23.66
C CYS D 93 15.48 -28.13 -24.94
N ASN D 94 15.57 -29.46 -24.88
CA ASN D 94 15.86 -30.27 -26.04
C ASN D 94 17.07 -29.74 -26.81
N GLY D 95 18.10 -29.38 -26.06
CA GLY D 95 19.38 -28.97 -26.62
C GLY D 95 19.43 -27.54 -27.10
N ALA D 96 18.40 -26.76 -26.77
CA ALA D 96 18.34 -25.35 -27.12
C ALA D 96 18.47 -24.47 -25.88
N PRO D 97 19.25 -23.37 -25.96
CA PRO D 97 19.37 -22.47 -24.82
C PRO D 97 18.08 -21.72 -24.53
N VAL D 98 17.63 -21.76 -23.27
CA VAL D 98 16.43 -21.07 -22.86
C VAL D 98 16.63 -20.44 -21.48
N ALA D 99 15.64 -19.69 -21.03
CA ALA D 99 15.70 -18.99 -19.75
C ALA D 99 14.46 -19.37 -18.94
N TRP D 100 14.67 -20.08 -17.83
CA TRP D 100 13.59 -20.52 -16.96
C TRP D 100 13.32 -19.43 -15.93
N CYS D 101 12.04 -19.12 -15.71
CA CYS D 101 11.65 -18.14 -14.70
C CYS D 101 11.02 -18.83 -13.49
N PRO D 102 11.77 -18.92 -12.38
CA PRO D 102 11.21 -19.59 -11.20
C PRO D 102 10.44 -18.64 -10.29
N TYR D 103 10.86 -17.38 -10.22
CA TYR D 103 10.30 -16.44 -9.24
C TYR D 103 10.15 -15.08 -9.87
N ILE D 104 9.05 -14.41 -9.56
CA ILE D 104 8.75 -13.11 -10.13
C ILE D 104 7.72 -12.42 -9.22
N TYR D 105 7.89 -11.12 -9.03
CA TYR D 105 7.09 -10.34 -8.08
C TYR D 105 6.63 -9.07 -8.77
N VAL D 106 5.41 -8.65 -8.47
CA VAL D 106 4.85 -7.48 -9.12
C VAL D 106 3.96 -6.73 -8.14
N ASP D 107 3.77 -5.42 -8.35
CA ASP D 107 3.00 -4.62 -7.38
C ASP D 107 1.57 -4.31 -7.86
N ASN D 108 1.05 -5.15 -8.76
CA ASN D 108 -0.26 -4.93 -9.34
C ASN D 108 -0.98 -6.27 -9.58
N ASP D 109 -2.24 -6.36 -9.17
CA ASP D 109 -3.00 -7.61 -9.28
C ASP D 109 -3.37 -8.02 -10.72
N ALA D 110 -3.64 -7.04 -11.58
CA ALA D 110 -3.92 -7.35 -12.97
C ALA D 110 -2.69 -7.93 -13.66
N ALA D 111 -1.53 -7.35 -13.38
CA ALA D 111 -0.27 -7.87 -13.89
C ALA D 111 -0.03 -9.28 -13.37
N MET D 112 -0.35 -9.51 -12.11
CA MET D 112 -0.17 -10.84 -11.53
C MET D 112 -1.05 -11.86 -12.25
N ALA D 113 -2.30 -11.49 -12.51
CA ALA D 113 -3.24 -12.40 -13.15
C ALA D 113 -2.88 -12.66 -14.61
N ARG D 114 -2.52 -11.61 -15.35
CA ARG D 114 -2.02 -11.80 -16.72
C ARG D 114 -0.79 -12.70 -16.69
N GLY D 115 0.01 -12.56 -15.63
CA GLY D 115 1.19 -13.38 -15.43
C GLY D 115 0.84 -14.86 -15.30
N TRP D 116 -0.11 -15.15 -14.42
N TRP D 116 -0.10 -15.19 -14.42
CA TRP D 116 -0.58 -16.53 -14.22
CA TRP D 116 -0.50 -16.60 -14.26
C TRP D 116 -1.02 -17.17 -15.53
C TRP D 116 -1.00 -17.20 -15.57
N VAL D 117 -1.73 -16.41 -16.36
CA VAL D 117 -2.23 -16.91 -17.64
C VAL D 117 -1.07 -17.27 -18.58
N GLN D 118 0.00 -16.48 -18.51
CA GLN D 118 1.22 -16.72 -19.26
C GLN D 118 2.12 -17.81 -18.68
N GLY D 119 1.83 -18.22 -17.45
CA GLY D 119 2.71 -19.14 -16.76
C GLY D 119 3.84 -18.48 -15.95
N PHE D 120 3.88 -17.14 -15.88
CA PHE D 120 4.81 -16.48 -14.96
C PHE D 120 4.26 -16.63 -13.55
N PRO D 121 5.07 -17.18 -12.62
CA PRO D 121 4.56 -17.50 -11.28
C PRO D 121 4.55 -16.29 -10.35
N LYS D 122 3.77 -15.29 -10.73
CA LYS D 122 3.83 -13.99 -10.07
C LYS D 122 3.18 -13.98 -8.69
N LYS D 123 3.84 -13.29 -7.77
CA LYS D 123 3.29 -12.96 -6.47
C LYS D 123 3.39 -11.46 -6.30
N LEU D 124 2.69 -10.91 -5.32
CA LEU D 124 2.80 -9.49 -5.06
C LEU D 124 4.09 -9.15 -4.32
N GLY D 125 4.67 -8.02 -4.69
CA GLY D 125 5.84 -7.50 -4.01
C GLY D 125 5.95 -6.01 -4.24
N ALA D 126 6.91 -5.37 -3.59
CA ALA D 126 7.19 -3.96 -3.75
C ALA D 126 8.54 -3.83 -4.43
N VAL D 127 8.56 -3.17 -5.57
CA VAL D 127 9.73 -3.13 -6.43
C VAL D 127 10.01 -1.68 -6.78
N HIS D 128 11.29 -1.30 -6.78
CA HIS D 128 11.69 0.09 -7.04
C HIS D 128 13.00 0.13 -7.81
N GLN D 129 13.17 1.12 -8.67
CA GLN D 129 14.44 1.36 -9.32
C GLN D 129 14.68 2.86 -9.46
N THR D 130 15.95 3.26 -9.33
CA THR D 130 16.35 4.63 -9.63
C THR D 130 15.95 4.99 -11.05
N ARG D 131 15.50 6.23 -11.26
CA ARG D 131 15.08 6.71 -12.57
C ARG D 131 16.02 7.82 -13.04
N ALA D 132 16.32 7.83 -14.34
CA ALA D 132 17.09 8.93 -14.94
C ALA D 132 16.13 9.95 -15.54
N TYR D 133 16.33 11.21 -15.19
CA TYR D 133 15.54 12.32 -15.71
C TYR D 133 16.36 13.18 -16.66
N SER D 134 15.78 13.47 -17.82
CA SER D 134 16.42 14.28 -18.84
C SER D 134 16.89 15.65 -18.36
N VAL D 135 16.19 16.23 -17.39
CA VAL D 135 16.51 17.59 -16.93
C VAL D 135 17.87 17.65 -16.24
N GLY D 136 18.28 16.53 -15.65
CA GLY D 136 19.58 16.44 -15.01
C GLY D 136 19.58 17.07 -13.63
N GLY D 137 20.77 17.18 -13.07
CA GLY D 137 20.94 17.78 -11.76
C GLY D 137 21.20 16.73 -10.71
N PRO D 138 21.40 17.16 -9.46
CA PRO D 138 21.83 16.27 -8.38
C PRO D 138 20.74 15.30 -7.89
N GLY D 139 19.51 15.42 -8.38
CA GLY D 139 18.46 14.48 -8.04
C GLY D 139 18.37 13.28 -8.95
N THR D 140 19.29 13.15 -9.92
CA THR D 140 19.20 12.07 -10.89
C THR D 140 20.57 11.65 -11.40
N PRO D 141 20.75 10.35 -11.69
CA PRO D 141 21.93 9.96 -12.45
C PRO D 141 21.79 10.35 -13.91
N VAL D 142 22.91 10.28 -14.62
CA VAL D 142 22.92 10.41 -16.07
C VAL D 142 22.70 9.05 -16.71
N LEU D 143 21.86 8.98 -17.74
CA LEU D 143 21.74 7.77 -18.54
C LEU D 143 22.89 7.76 -19.53
N GLY D 144 24.05 7.31 -19.04
CA GLY D 144 25.28 7.35 -19.79
C GLY D 144 26.41 6.91 -18.88
N PRO D 145 27.67 7.08 -19.32
CA PRO D 145 28.80 6.61 -18.52
C PRO D 145 28.83 7.18 -17.11
N GLY D 146 29.04 6.29 -16.14
CA GLY D 146 29.12 6.68 -14.74
C GLY D 146 27.79 6.70 -14.03
N GLY D 147 26.70 6.60 -14.78
CA GLY D 147 25.37 6.62 -14.20
C GLY D 147 25.17 5.45 -13.27
N GLN D 148 24.77 5.73 -12.03
CA GLN D 148 24.50 4.71 -11.03
C GLN D 148 22.99 4.59 -10.78
N PHE D 149 22.52 3.35 -10.70
CA PHE D 149 21.10 3.04 -10.50
C PHE D 149 20.97 1.94 -9.46
N GLY D 150 20.12 2.17 -8.48
CA GLY D 150 19.81 1.17 -7.46
C GLY D 150 18.46 0.55 -7.73
N ALA D 151 18.25 -0.66 -7.23
CA ALA D 151 16.95 -1.30 -7.34
C ALA D 151 16.76 -2.27 -6.19
N THR D 152 15.53 -2.39 -5.72
CA THR D 152 15.19 -3.28 -4.62
C THR D 152 13.86 -3.96 -4.86
N ALA D 153 13.69 -5.11 -4.19
CA ALA D 153 12.42 -5.83 -4.19
C ALA D 153 12.15 -6.37 -2.80
N SER D 154 10.89 -6.27 -2.38
CA SER D 154 10.40 -6.80 -1.12
C SER D 154 9.16 -7.64 -1.38
N SER D 155 8.88 -8.58 -0.49
CA SER D 155 7.63 -9.31 -0.51
C SER D 155 7.20 -9.55 0.92
N ALA D 156 5.93 -9.31 1.20
CA ALA D 156 5.37 -9.51 2.53
C ALA D 156 6.15 -8.73 3.59
N GLY D 157 6.63 -7.56 3.21
CA GLY D 157 7.34 -6.68 4.11
C GLY D 157 8.76 -7.09 4.42
N GLN D 158 9.31 -7.96 3.56
CA GLN D 158 10.68 -8.45 3.73
C GLN D 158 11.47 -8.15 2.48
N ARG D 159 12.66 -7.56 2.63
CA ARG D 159 13.52 -7.26 1.51
C ARG D 159 14.11 -8.57 0.99
N ILE D 160 13.95 -8.83 -0.32
CA ILE D 160 14.46 -10.06 -0.92
C ILE D 160 15.59 -9.86 -1.92
N ALA D 161 15.73 -8.66 -2.47
CA ALA D 161 16.79 -8.38 -3.43
C ALA D 161 17.20 -6.92 -3.39
N GLU D 162 18.51 -6.70 -3.46
CA GLU D 162 19.09 -5.35 -3.54
C GLU D 162 20.16 -5.36 -4.61
N ALA D 163 20.13 -4.36 -5.49
CA ALA D 163 21.04 -4.31 -6.63
C ALA D 163 21.49 -2.89 -6.91
N LYS D 164 22.65 -2.79 -7.54
CA LYS D 164 23.14 -1.52 -8.03
C LYS D 164 23.96 -1.74 -9.28
N ILE D 165 23.81 -0.85 -10.25
CA ILE D 165 24.62 -0.92 -11.47
C ILE D 165 25.29 0.43 -11.70
N THR D 166 26.41 0.40 -12.42
CA THR D 166 27.13 1.59 -12.84
C THR D 166 27.38 1.44 -14.32
N LEU D 167 26.82 2.33 -15.14
CA LEU D 167 26.91 2.19 -16.57
C LEU D 167 28.29 2.59 -17.09
N GLU D 168 28.71 1.96 -18.18
CA GLU D 168 29.99 2.25 -18.80
C GLU D 168 29.90 2.63 -20.28
N GLN D 169 29.09 1.91 -21.04
CA GLN D 169 29.06 2.09 -22.49
C GLN D 169 27.76 1.56 -23.08
N PRO D 170 27.42 1.99 -24.30
CA PRO D 170 26.24 1.43 -24.96
C PRO D 170 26.40 -0.07 -25.18
N VAL D 171 25.31 -0.83 -25.09
CA VAL D 171 25.35 -2.26 -25.40
C VAL D 171 25.74 -2.41 -26.87
N PRO D 172 26.83 -3.16 -27.14
CA PRO D 172 27.23 -3.37 -28.54
C PRO D 172 26.13 -3.98 -29.43
N ASP D 173 25.41 -4.98 -28.94
CA ASP D 173 24.32 -5.59 -29.71
C ASP D 173 23.02 -5.62 -28.90
N PRO D 174 22.24 -4.54 -28.96
CA PRO D 174 20.99 -4.46 -28.19
C PRO D 174 19.98 -5.54 -28.53
N ALA D 175 19.95 -5.98 -29.79
CA ALA D 175 18.98 -6.97 -30.24
C ALA D 175 19.21 -8.31 -29.54
N ALA D 176 20.44 -8.57 -29.14
CA ALA D 176 20.82 -9.85 -28.54
C ALA D 176 20.46 -9.96 -27.06
N LEU D 177 19.98 -8.87 -26.47
CA LEU D 177 19.61 -8.89 -25.06
C LEU D 177 18.45 -9.86 -24.77
N MET D 178 17.58 -10.04 -25.75
CA MET D 178 16.36 -10.83 -25.59
C MET D 178 16.45 -12.16 -26.34
N SER D 179 17.67 -12.68 -26.49
CA SER D 179 17.92 -13.81 -27.37
C SER D 179 17.45 -15.17 -26.84
N ARG D 180 17.53 -15.37 -25.53
CA ARG D 180 17.10 -16.63 -24.92
C ARG D 180 15.60 -16.63 -24.69
N PRO D 181 14.86 -17.57 -25.32
CA PRO D 181 13.42 -17.58 -25.04
C PRO D 181 13.12 -18.00 -23.62
N VAL D 182 12.07 -17.41 -23.06
CA VAL D 182 11.69 -17.66 -21.69
C VAL D 182 10.72 -18.82 -21.65
N ILE D 183 10.99 -19.76 -20.74
CA ILE D 183 10.12 -20.90 -20.49
C ILE D 183 9.42 -20.70 -19.15
N ASN D 184 8.12 -20.96 -19.14
CA ASN D 184 7.28 -20.83 -17.96
C ASN D 184 6.40 -22.08 -17.79
N LEU D 185 5.60 -22.08 -16.73
CA LEU D 185 4.74 -23.22 -16.41
C LEU D 185 3.36 -22.71 -16.01
N ARG D 186 2.38 -22.90 -16.90
CA ARG D 186 0.99 -22.63 -16.57
C ARG D 186 0.56 -23.70 -15.59
N HIS D 187 -0.03 -23.27 -14.48
CA HIS D 187 -0.37 -24.20 -13.41
C HIS D 187 -1.56 -23.70 -12.62
N PHE D 188 -2.61 -24.50 -12.55
CA PHE D 188 -3.82 -24.15 -11.83
C PHE D 188 -4.34 -25.39 -11.13
N PRO D 189 -4.36 -25.38 -9.78
CA PRO D 189 -4.66 -26.64 -9.09
C PRO D 189 -6.13 -26.98 -9.01
N ARG D 190 -6.41 -28.20 -8.53
CA ARG D 190 -7.76 -28.62 -8.21
C ARG D 190 -7.94 -28.62 -6.71
N LEU D 191 -9.16 -28.35 -6.27
CA LEU D 191 -9.50 -28.34 -4.85
C LEU D 191 -10.40 -29.53 -4.46
N ALA D 192 -10.94 -30.23 -5.45
CA ALA D 192 -11.77 -31.40 -5.18
C ALA D 192 -11.00 -32.40 -4.35
N ALA D 193 -11.63 -32.92 -3.31
CA ALA D 193 -11.00 -33.89 -2.41
C ALA D 193 -10.42 -35.06 -3.22
N GLY D 194 -9.20 -35.43 -2.89
CA GLY D 194 -8.51 -36.51 -3.59
C GLY D 194 -7.70 -36.05 -4.80
N GLN D 195 -7.86 -34.79 -5.19
CA GLN D 195 -7.21 -34.28 -6.41
C GLN D 195 -6.29 -33.10 -6.16
N HIS D 196 -5.86 -32.91 -4.91
CA HIS D 196 -5.02 -31.75 -4.60
C HIS D 196 -3.64 -31.88 -5.24
N ASP D 197 -3.29 -33.10 -5.63
CA ASP D 197 -2.01 -33.37 -6.30
C ASP D 197 -2.19 -33.60 -7.80
N GLN D 198 -3.39 -33.31 -8.31
CA GLN D 198 -3.70 -33.46 -9.74
C GLN D 198 -4.20 -32.15 -10.32
N PRO D 199 -3.28 -31.23 -10.65
CA PRO D 199 -3.74 -29.91 -11.11
C PRO D 199 -4.51 -29.95 -12.42
N ALA D 200 -5.51 -29.08 -12.54
CA ALA D 200 -6.35 -28.97 -13.72
C ALA D 200 -5.55 -28.47 -14.92
N VAL D 201 -4.62 -27.55 -14.66
CA VAL D 201 -3.70 -27.06 -15.68
C VAL D 201 -2.27 -27.26 -15.18
N HIS D 202 -1.44 -27.83 -16.03
CA HIS D 202 -0.05 -28.03 -15.70
C HIS D 202 0.71 -28.30 -16.99
N GLU D 203 1.28 -27.24 -17.56
CA GLU D 203 1.92 -27.36 -18.84
C GLU D 203 3.05 -26.36 -19.00
N LEU D 204 4.17 -26.88 -19.51
CA LEU D 204 5.32 -26.05 -19.84
C LEU D 204 4.97 -25.24 -21.08
N VAL D 205 5.34 -23.96 -21.06
CA VAL D 205 5.05 -23.07 -22.17
C VAL D 205 6.27 -22.25 -22.53
N MET D 206 6.32 -21.79 -23.77
CA MET D 206 7.32 -20.82 -24.19
C MET D 206 6.66 -19.47 -24.43
N SER D 207 7.22 -18.44 -23.83
CA SER D 207 6.74 -17.08 -24.00
C SER D 207 6.90 -16.65 -25.46
N VAL D 208 5.85 -16.05 -26.00
CA VAL D 208 5.84 -15.53 -27.36
C VAL D 208 5.64 -14.03 -27.28
N LEU D 209 6.60 -13.29 -27.84
CA LEU D 209 6.58 -11.84 -27.79
C LEU D 209 6.51 -11.32 -29.22
N ASP D 210 5.59 -10.39 -29.46
CA ASP D 210 5.42 -9.78 -30.78
C ASP D 210 6.10 -8.41 -30.81
N ASP D 211 6.77 -8.13 -31.93
CA ASP D 211 7.29 -6.79 -32.23
C ASP D 211 8.25 -6.29 -31.16
N THR D 212 9.08 -7.17 -30.63
CA THR D 212 9.99 -6.80 -29.56
C THR D 212 10.92 -5.68 -30.02
N ALA D 213 11.08 -4.69 -29.16
CA ALA D 213 11.97 -3.56 -29.43
C ALA D 213 12.77 -3.21 -28.18
N VAL D 214 14.04 -2.88 -28.38
CA VAL D 214 14.91 -2.42 -27.31
C VAL D 214 15.52 -1.09 -27.73
N SER D 215 15.67 -0.17 -26.78
CA SER D 215 16.29 1.12 -27.05
C SER D 215 17.09 1.60 -25.84
N ASP D 216 17.99 2.55 -26.08
CA ASP D 216 18.73 3.22 -25.01
C ASP D 216 19.46 2.20 -24.13
N ALA D 217 20.05 1.19 -24.75
CA ALA D 217 20.66 0.11 -23.99
C ALA D 217 22.10 0.43 -23.58
N TRP D 218 22.37 0.29 -22.28
CA TRP D 218 23.69 0.52 -21.70
C TRP D 218 24.13 -0.69 -20.89
N VAL D 219 25.44 -0.90 -20.84
CA VAL D 219 26.01 -1.97 -20.04
C VAL D 219 27.10 -1.39 -19.14
N GLY D 220 27.32 -2.04 -18.01
CA GLY D 220 28.36 -1.65 -17.09
C GLY D 220 28.55 -2.70 -16.03
N THR D 221 28.88 -2.28 -14.81
CA THR D 221 29.15 -3.20 -13.71
C THR D 221 27.95 -3.30 -12.79
N ALA D 222 28.00 -4.24 -11.86
CA ALA D 222 26.85 -4.54 -11.04
C ALA D 222 27.19 -5.19 -9.70
N ASP D 223 26.29 -4.98 -8.75
CA ASP D 223 26.30 -5.66 -7.45
C ASP D 223 24.88 -6.13 -7.20
N LEU D 224 24.73 -7.35 -6.68
CA LEU D 224 23.43 -7.93 -6.42
C LEU D 224 23.52 -8.85 -5.22
N ALA D 225 22.49 -8.80 -4.39
CA ALA D 225 22.35 -9.74 -3.29
C ALA D 225 20.90 -10.16 -3.17
N PHE D 226 20.69 -11.44 -2.87
CA PHE D 226 19.38 -11.94 -2.47
C PHE D 226 19.40 -12.15 -0.97
N LEU D 227 18.32 -11.79 -0.31
CA LEU D 227 18.24 -11.88 1.14
C LEU D 227 17.27 -12.96 1.57
N PRO D 228 17.66 -13.79 2.56
CA PRO D 228 16.72 -14.78 3.08
C PRO D 228 15.46 -14.11 3.62
N ALA D 229 14.32 -14.72 3.37
CA ALA D 229 13.03 -14.19 3.79
C ALA D 229 12.10 -15.35 4.09
N HIS D 230 11.30 -15.22 5.14
CA HIS D 230 10.31 -16.23 5.47
C HIS D 230 9.33 -16.37 4.31
N GLY D 231 9.06 -17.61 3.91
CA GLY D 231 8.10 -17.86 2.84
C GLY D 231 8.62 -17.64 1.42
N GLU D 232 9.93 -17.43 1.28
CA GLU D 232 10.54 -17.27 -0.04
C GLU D 232 11.73 -18.20 -0.16
N GLU D 233 12.08 -18.53 -1.41
CA GLU D 233 13.22 -19.39 -1.70
C GLU D 233 14.24 -18.77 -2.65
N LEU D 234 14.07 -17.49 -2.96
CA LEU D 234 14.99 -16.79 -3.86
C LEU D 234 16.43 -16.88 -3.37
N ALA D 235 16.64 -16.64 -2.07
CA ALA D 235 17.99 -16.62 -1.53
C ALA D 235 18.65 -18.00 -1.51
N ASP D 236 17.92 -19.05 -1.86
CA ASP D 236 18.50 -20.38 -2.04
C ASP D 236 19.20 -20.48 -3.41
N LEU D 237 19.19 -19.37 -4.14
CA LEU D 237 20.01 -19.19 -5.33
C LEU D 237 21.05 -18.12 -5.02
N PRO D 238 21.97 -18.41 -4.08
CA PRO D 238 22.88 -17.38 -3.59
C PRO D 238 23.76 -16.81 -4.69
N VAL D 239 23.95 -15.49 -4.66
CA VAL D 239 24.81 -14.84 -5.63
C VAL D 239 26.26 -15.08 -5.26
N ARG D 240 26.92 -15.93 -6.04
CA ARG D 240 28.33 -16.25 -5.82
C ARG D 240 29.19 -15.21 -6.51
N ARG D 241 28.66 -14.67 -7.61
CA ARG D 241 29.37 -13.66 -8.39
C ARG D 241 28.37 -12.86 -9.19
N THR D 242 28.62 -11.56 -9.32
CA THR D 242 27.80 -10.71 -10.17
C THR D 242 28.57 -10.42 -11.44
N GLY D 243 27.85 -10.46 -12.57
CA GLY D 243 28.42 -10.14 -13.85
C GLY D 243 28.00 -8.74 -14.28
N LYS D 244 27.60 -8.61 -15.54
CA LYS D 244 27.26 -7.32 -16.13
C LYS D 244 25.99 -6.71 -15.57
N GLY D 245 25.97 -5.39 -15.51
CA GLY D 245 24.77 -4.62 -15.26
C GLY D 245 24.26 -4.03 -16.57
N PHE D 246 22.94 -3.91 -16.67
CA PHE D 246 22.29 -3.47 -17.89
C PHE D 246 21.18 -2.48 -17.59
N HIS D 247 21.00 -1.51 -18.48
CA HIS D 247 19.89 -0.57 -18.41
C HIS D 247 19.35 -0.38 -19.81
N PHE D 248 18.06 -0.63 -20.02
CA PHE D 248 17.47 -0.48 -21.34
C PHE D 248 15.95 -0.35 -21.30
N ASP D 249 15.39 0.25 -22.35
CA ASP D 249 13.96 0.28 -22.55
C ASP D 249 13.58 -0.95 -23.37
N LEU D 250 12.38 -1.47 -23.12
CA LEU D 250 11.91 -2.70 -23.73
C LEU D 250 10.43 -2.56 -24.04
N ALA D 251 10.03 -3.01 -25.22
CA ALA D 251 8.62 -2.99 -25.59
C ALA D 251 8.28 -4.24 -26.37
N TYR D 252 7.05 -4.72 -26.19
CA TYR D 252 6.54 -5.83 -26.96
C TYR D 252 5.04 -5.96 -26.74
N THR D 253 4.44 -6.86 -27.52
CA THR D 253 3.01 -7.13 -27.45
C THR D 253 2.85 -8.63 -27.24
N VAL D 254 1.85 -9.00 -26.45
CA VAL D 254 1.51 -10.40 -26.22
C VAL D 254 0.14 -10.70 -26.81
N THR D 255 0.09 -11.72 -27.67
CA THR D 255 -1.17 -12.19 -28.27
C THR D 255 -1.27 -13.71 -28.30
N ASP D 256 -0.20 -14.40 -27.90
CA ASP D 256 -0.07 -15.83 -28.12
C ASP D 256 0.79 -16.43 -26.99
N LEU D 257 0.83 -17.74 -26.93
CA LEU D 257 1.64 -18.47 -25.97
C LEU D 257 1.80 -19.87 -26.53
N MET D 258 3.02 -20.37 -26.54
CA MET D 258 3.27 -21.70 -27.11
C MET D 258 3.30 -22.77 -26.03
N THR D 259 2.30 -23.65 -26.06
CA THR D 259 2.31 -24.81 -25.17
C THR D 259 3.25 -25.87 -25.70
N LEU D 260 4.21 -26.27 -24.87
CA LEU D 260 5.20 -27.28 -25.25
C LEU D 260 4.68 -28.68 -24.98
#